data_4BHH
#
_entry.id   4BHH
#
_cell.length_a   82.950
_cell.length_b   86.460
_cell.length_c   90.190
_cell.angle_alpha   90.00
_cell.angle_beta   106.63
_cell.angle_gamma   90.00
#
_symmetry.space_group_name_H-M   'P 1 21 1'
#
loop_
_entity.id
_entity.type
_entity.pdbx_description
1 polymer NUCLEOPROTEIN
2 polymer 'POLY-URIDINE 45-MER'
#
loop_
_entity_poly.entity_id
_entity_poly.type
_entity_poly.pdbx_seq_one_letter_code
_entity_poly.pdbx_strand_id
1 'polypeptide(L)'
;GMSDLVFYDVASTGANGFDPDAGYMDFCVKNAESLNLAAVRIFFLNAAKAKAALSRKPERKANPKFGEWQVEVINNHFPG
NRNNPIGNNDLTIHRLSGYLARWVLDQYNENDDESQHELIRTTIINPIAESNGVGWDSGPEIYLSFFPGTEMFLETFKFY
PLTIGIHRVKQGMMDPQYLKKALRQRYGTLTADKWMSQKVAAIAKSLKDVEQLKWGKGGLSDTAKTFLQKFGIRLP
;
B,D,F,Z
2 'polyribonucleotide' UUUUUUUUUUUUUUUUUUUUUUUUUUUUUUUUUUUUUUUUUUUUU R
#
# COMPACT_ATOMS: atom_id res chain seq x y z
N ASP A 4 -9.83 -1.50 -16.55
CA ASP A 4 -10.11 -1.43 -18.03
C ASP A 4 -9.59 -0.15 -18.69
N LEU A 5 -9.64 0.99 -17.98
CA LEU A 5 -8.98 2.24 -18.43
C LEU A 5 -9.66 2.92 -19.62
N VAL A 6 -10.96 3.17 -19.53
CA VAL A 6 -11.66 3.88 -20.58
C VAL A 6 -12.09 5.23 -20.05
N PHE A 7 -11.33 6.26 -20.37
CA PHE A 7 -11.54 7.54 -19.76
C PHE A 7 -12.40 8.44 -20.61
N TYR A 8 -13.26 9.20 -19.94
CA TYR A 8 -14.20 10.07 -20.62
C TYR A 8 -13.96 11.51 -20.22
N ASP A 9 -14.69 12.40 -20.89
CA ASP A 9 -14.56 13.82 -20.64
C ASP A 9 -15.21 14.20 -19.31
N VAL A 10 -15.29 15.50 -19.01
CA VAL A 10 -15.84 15.98 -17.76
C VAL A 10 -16.66 17.27 -17.92
N ALA A 11 -17.74 17.34 -17.16
CA ALA A 11 -18.60 18.52 -17.06
C ALA A 11 -17.82 19.79 -16.73
N SER A 12 -18.13 20.85 -17.47
CA SER A 12 -17.58 22.18 -17.22
C SER A 12 -18.66 23.20 -16.83
N THR A 13 -19.93 22.95 -17.19
CA THR A 13 -20.98 23.90 -16.85
C THR A 13 -21.03 24.07 -15.34
N GLY A 14 -21.58 25.20 -14.92
CA GLY A 14 -21.53 25.63 -13.52
C GLY A 14 -22.88 25.96 -12.90
N ALA A 15 -23.06 25.50 -11.66
CA ALA A 15 -23.97 26.07 -10.68
C ALA A 15 -25.43 25.64 -10.78
N ASN A 16 -25.95 25.43 -11.99
CA ASN A 16 -27.37 25.08 -12.23
C ASN A 16 -28.42 25.57 -11.20
N GLY A 17 -28.23 25.23 -9.92
CA GLY A 17 -29.07 25.75 -8.84
C GLY A 17 -29.59 24.72 -7.87
N PHE A 18 -29.32 23.43 -8.13
CA PHE A 18 -29.91 22.31 -7.37
C PHE A 18 -30.12 22.55 -5.90
N ASP A 19 -31.35 22.88 -5.54
CA ASP A 19 -31.74 23.19 -4.18
C ASP A 19 -32.35 21.94 -3.56
N PRO A 20 -31.60 21.26 -2.66
CA PRO A 20 -32.07 19.95 -2.23
C PRO A 20 -33.40 20.00 -1.48
N ASP A 21 -33.62 21.07 -0.72
CA ASP A 21 -34.90 21.28 -0.02
C ASP A 21 -36.05 21.41 -1.03
N ALA A 22 -35.76 22.05 -2.17
CA ALA A 22 -36.73 22.15 -3.24
C ALA A 22 -37.03 20.75 -3.79
N GLY A 23 -35.99 20.06 -4.26
CA GLY A 23 -36.14 18.72 -4.83
C GLY A 23 -36.77 17.73 -3.87
N TYR A 24 -36.56 17.95 -2.58
CA TYR A 24 -37.11 17.08 -1.54
C TYR A 24 -38.63 17.18 -1.44
N MET A 25 -39.16 18.40 -1.53
CA MET A 25 -40.60 18.61 -1.47
C MET A 25 -41.30 18.03 -2.70
N ASP A 26 -40.81 18.38 -3.88
CA ASP A 26 -41.28 17.79 -5.14
C ASP A 26 -41.34 16.28 -5.03
N PHE A 27 -40.32 15.69 -4.40
CA PHE A 27 -40.22 14.25 -4.23
C PHE A 27 -41.28 13.71 -3.27
N CYS A 28 -41.36 14.30 -2.07
CA CYS A 28 -42.39 13.92 -1.09
C CYS A 28 -43.78 14.04 -1.70
N VAL A 29 -44.03 15.16 -2.39
CA VAL A 29 -45.29 15.36 -3.10
C VAL A 29 -45.56 14.17 -4.01
N LYS A 30 -44.65 13.93 -4.93
CA LYS A 30 -44.82 12.89 -5.94
C LYS A 30 -44.89 11.46 -5.38
N ASN A 31 -44.34 11.21 -4.20
CA ASN A 31 -44.18 9.84 -3.71
C ASN A 31 -44.72 9.47 -2.32
N ALA A 32 -44.90 10.46 -1.43
CA ALA A 32 -45.39 10.21 -0.06
C ALA A 32 -46.44 9.11 -0.01
N GLU A 33 -47.45 9.27 -0.87
CA GLU A 33 -48.37 8.22 -1.27
C GLU A 33 -47.81 6.79 -1.07
N SER A 34 -46.72 6.49 -1.78
CA SER A 34 -46.27 5.11 -1.98
C SER A 34 -45.22 4.59 -0.99
N LEU A 35 -44.85 5.39 0.01
CA LEU A 35 -43.70 5.06 0.86
C LEU A 35 -44.07 4.38 2.15
N ASN A 36 -43.09 3.69 2.74
CA ASN A 36 -43.28 2.93 3.97
C ASN A 36 -41.97 2.28 4.36
N LEU A 37 -41.87 1.90 5.64
CA LEU A 37 -40.62 1.43 6.20
C LEU A 37 -40.07 0.23 5.46
N ALA A 38 -40.94 -0.68 5.03
CA ALA A 38 -40.49 -1.90 4.34
C ALA A 38 -39.76 -1.56 3.04
N ALA A 39 -40.39 -0.71 2.25
CA ALA A 39 -39.83 -0.24 0.98
C ALA A 39 -38.45 0.39 1.21
N VAL A 40 -38.43 1.41 2.05
CA VAL A 40 -37.22 2.15 2.32
C VAL A 40 -36.18 1.21 2.92
N ARG A 41 -36.53 0.52 4.00
CA ARG A 41 -35.62 -0.43 4.65
C ARG A 41 -34.82 -1.16 3.60
N ILE A 42 -35.54 -1.70 2.63
CA ILE A 42 -34.94 -2.46 1.54
C ILE A 42 -33.91 -1.61 0.79
N PHE A 43 -34.37 -0.48 0.25
CA PHE A 43 -33.50 0.44 -0.47
C PHE A 43 -32.13 0.54 0.20
N PHE A 44 -32.11 0.97 1.45
CA PHE A 44 -30.86 1.28 2.11
C PHE A 44 -29.92 0.08 2.15
N LEU A 45 -30.47 -1.12 1.99
CA LEU A 45 -29.68 -2.35 1.99
C LEU A 45 -29.18 -2.72 0.59
N ASN A 46 -29.93 -2.32 -0.43
CA ASN A 46 -29.56 -2.62 -1.79
C ASN A 46 -29.15 -1.36 -2.56
N ALA A 47 -28.73 -0.33 -1.87
CA ALA A 47 -28.34 0.90 -2.54
C ALA A 47 -27.10 0.65 -3.38
N ALA A 48 -26.04 0.16 -2.74
CA ALA A 48 -24.75 -0.09 -3.41
C ALA A 48 -24.88 -1.17 -4.46
N LYS A 49 -25.74 -2.14 -4.18
CA LYS A 49 -26.07 -3.18 -5.13
C LYS A 49 -26.58 -2.52 -6.41
N ALA A 50 -27.52 -1.60 -6.25
CA ALA A 50 -28.17 -0.94 -7.38
C ALA A 50 -27.23 -0.02 -8.14
N LYS A 51 -26.32 0.63 -7.42
CA LYS A 51 -25.27 1.45 -8.06
C LYS A 51 -24.50 0.58 -9.05
N ALA A 52 -23.93 -0.50 -8.54
CA ALA A 52 -23.12 -1.41 -9.35
C ALA A 52 -23.86 -1.93 -10.58
N ALA A 53 -25.13 -2.28 -10.42
CA ALA A 53 -25.93 -2.83 -11.52
C ALA A 53 -26.29 -1.80 -12.60
N LEU A 54 -26.38 -0.53 -12.22
CA LEU A 54 -26.71 0.55 -13.14
C LEU A 54 -25.49 0.96 -13.96
N SER A 55 -24.31 0.66 -13.43
CA SER A 55 -23.05 0.91 -14.14
C SER A 55 -22.76 -0.19 -15.17
N ARG A 56 -23.68 -1.12 -15.33
CA ARG A 56 -23.70 -2.06 -16.46
C ARG A 56 -24.76 -1.64 -17.47
N LYS A 57 -25.98 -1.36 -16.99
CA LYS A 57 -27.09 -0.94 -17.87
C LYS A 57 -26.79 0.40 -18.56
N PRO A 58 -26.65 0.40 -19.89
CA PRO A 58 -26.19 1.59 -20.58
C PRO A 58 -27.29 2.63 -20.80
N GLU A 59 -28.53 2.31 -20.46
CA GLU A 59 -29.65 3.23 -20.68
C GLU A 59 -29.42 4.49 -19.86
N ARG A 60 -30.02 5.59 -20.32
CA ARG A 60 -29.92 6.89 -19.62
C ARG A 60 -30.71 6.92 -18.32
N LYS A 61 -31.98 6.50 -18.41
CA LYS A 61 -32.85 6.38 -17.24
C LYS A 61 -33.02 4.92 -16.86
N ALA A 62 -33.43 4.68 -15.62
CA ALA A 62 -33.82 3.34 -15.17
C ALA A 62 -35.05 3.43 -14.26
N ASN A 63 -35.62 2.26 -13.95
CA ASN A 63 -36.75 2.15 -13.03
C ASN A 63 -36.60 0.93 -12.12
N PRO A 64 -35.83 1.07 -11.03
CA PRO A 64 -35.66 -0.04 -10.11
C PRO A 64 -36.83 -0.12 -9.14
N LYS A 65 -36.90 -1.23 -8.42
CA LYS A 65 -37.99 -1.48 -7.49
C LYS A 65 -37.50 -2.11 -6.16
N PHE A 66 -37.89 -1.49 -5.06
CA PHE A 66 -37.50 -1.93 -3.73
C PHE A 66 -38.76 -2.33 -2.97
N GLY A 67 -38.76 -3.55 -2.43
CA GLY A 67 -39.95 -4.09 -1.77
C GLY A 67 -41.07 -4.17 -2.78
N GLU A 68 -41.95 -3.18 -2.73
CA GLU A 68 -42.98 -3.00 -3.75
C GLU A 68 -43.14 -1.55 -4.11
N TRP A 69 -42.00 -0.89 -4.30
CA TRP A 69 -41.98 0.52 -4.67
C TRP A 69 -41.03 0.77 -5.83
N GLN A 70 -41.60 1.15 -6.96
CA GLN A 70 -40.83 1.42 -8.17
C GLN A 70 -40.72 2.92 -8.32
N VAL A 71 -39.66 3.36 -8.99
CA VAL A 71 -39.37 4.78 -9.09
C VAL A 71 -38.43 5.07 -10.26
N GLU A 72 -38.62 6.23 -10.89
CA GLU A 72 -37.80 6.64 -12.02
C GLU A 72 -36.55 7.38 -11.54
N VAL A 73 -35.40 6.70 -11.66
CA VAL A 73 -34.11 7.27 -11.32
C VAL A 73 -33.35 7.60 -12.61
N ILE A 74 -32.39 8.54 -12.53
CA ILE A 74 -31.48 8.81 -13.64
C ILE A 74 -30.15 8.12 -13.43
N ASN A 75 -29.75 7.38 -14.45
CA ASN A 75 -28.52 6.61 -14.43
C ASN A 75 -27.46 7.39 -15.13
N ASN A 76 -26.37 7.65 -14.40
CA ASN A 76 -25.10 7.90 -15.06
C ASN A 76 -23.97 7.35 -14.20
N HIS A 77 -24.21 6.16 -13.68
CA HIS A 77 -23.18 5.35 -13.06
C HIS A 77 -22.41 4.68 -14.20
N PHE A 78 -23.12 4.40 -15.30
CA PHE A 78 -22.52 3.87 -16.52
C PHE A 78 -21.48 4.84 -17.09
N PRO A 79 -20.23 4.34 -17.27
CA PRO A 79 -19.06 5.14 -17.68
C PRO A 79 -19.33 6.29 -18.66
N GLY A 80 -19.99 5.98 -19.77
CA GLY A 80 -20.23 6.95 -20.82
C GLY A 80 -21.17 8.07 -20.43
N ASN A 81 -22.09 7.77 -19.50
CA ASN A 81 -23.17 8.68 -19.17
C ASN A 81 -22.85 9.75 -18.13
N ARG A 82 -21.66 9.70 -17.51
CA ARG A 82 -21.31 10.56 -16.35
C ARG A 82 -21.48 12.07 -16.51
N ASN A 83 -21.71 12.55 -17.73
CA ASN A 83 -21.96 13.97 -18.02
C ASN A 83 -23.39 14.29 -18.39
N ASN A 84 -24.27 13.29 -18.37
CA ASN A 84 -25.67 13.51 -18.67
C ASN A 84 -26.28 14.52 -17.67
N PRO A 85 -26.81 15.64 -18.17
CA PRO A 85 -27.26 16.75 -17.32
C PRO A 85 -28.56 16.42 -16.57
N ILE A 86 -28.71 16.92 -15.34
CA ILE A 86 -29.77 16.50 -14.41
C ILE A 86 -30.55 17.67 -13.77
N GLY A 87 -31.87 17.66 -13.96
CA GLY A 87 -32.75 18.72 -13.46
C GLY A 87 -33.02 18.61 -11.97
N ASN A 88 -33.18 19.75 -11.32
CA ASN A 88 -33.23 19.78 -9.86
C ASN A 88 -34.43 19.11 -9.24
N ASN A 89 -35.19 18.35 -10.03
CA ASN A 89 -36.26 17.52 -9.52
C ASN A 89 -36.02 16.06 -9.82
N ASP A 90 -34.92 15.76 -10.51
CA ASP A 90 -34.61 14.38 -10.91
C ASP A 90 -33.91 13.63 -9.79
N LEU A 91 -33.82 12.31 -9.95
CA LEU A 91 -33.29 11.45 -8.90
C LEU A 91 -32.08 10.64 -9.34
N THR A 92 -31.05 10.58 -8.49
CA THR A 92 -30.01 9.59 -8.61
C THR A 92 -30.13 8.74 -7.38
N ILE A 93 -29.35 7.67 -7.30
CA ILE A 93 -29.31 6.89 -6.06
C ILE A 93 -28.87 7.78 -4.92
N HIS A 94 -27.84 8.58 -5.16
CA HIS A 94 -27.33 9.47 -4.15
C HIS A 94 -28.43 10.34 -3.53
N ARG A 95 -29.16 11.05 -4.39
CA ARG A 95 -30.16 12.00 -3.93
C ARG A 95 -31.30 11.28 -3.19
N LEU A 96 -31.67 10.09 -3.65
CA LEU A 96 -32.68 9.28 -2.93
C LEU A 96 -32.20 8.97 -1.54
N SER A 97 -30.96 8.48 -1.43
CA SER A 97 -30.39 8.13 -0.13
C SER A 97 -30.53 9.30 0.85
N GLY A 98 -30.24 10.49 0.36
CA GLY A 98 -30.43 11.72 1.14
C GLY A 98 -31.89 12.03 1.45
N TYR A 99 -32.74 12.02 0.42
CA TYR A 99 -34.17 12.33 0.61
C TYR A 99 -34.81 11.36 1.60
N LEU A 100 -34.59 10.06 1.38
CA LEU A 100 -35.19 9.02 2.20
C LEU A 100 -34.67 9.05 3.63
N ALA A 101 -33.39 9.38 3.79
CA ALA A 101 -32.82 9.50 5.11
C ALA A 101 -33.55 10.59 5.88
N ARG A 102 -33.90 11.68 5.18
CA ARG A 102 -34.67 12.76 5.79
C ARG A 102 -36.13 12.35 6.05
N TRP A 103 -36.72 11.64 5.11
CA TRP A 103 -38.07 11.11 5.29
C TRP A 103 -38.18 10.29 6.56
N VAL A 104 -37.24 9.37 6.76
CA VAL A 104 -37.21 8.59 7.99
C VAL A 104 -37.16 9.51 9.19
N LEU A 105 -36.36 10.57 9.14
CA LEU A 105 -36.24 11.46 10.29
C LEU A 105 -37.57 12.14 10.59
N ASP A 106 -38.24 12.61 9.54
CA ASP A 106 -39.56 13.23 9.70
C ASP A 106 -40.51 12.28 10.43
N GLN A 107 -40.51 11.02 10.00
CA GLN A 107 -41.31 9.98 10.64
C GLN A 107 -41.05 9.93 12.14
N TYR A 108 -39.79 9.72 12.52
CA TYR A 108 -39.40 9.64 13.92
C TYR A 108 -39.98 10.83 14.69
N ASN A 109 -39.74 12.02 14.15
CA ASN A 109 -40.10 13.28 14.81
C ASN A 109 -41.60 13.61 14.78
N GLU A 110 -42.31 13.04 13.81
CA GLU A 110 -43.75 13.18 13.69
C GLU A 110 -44.47 13.11 15.04
N ASN A 111 -44.15 12.09 15.84
CA ASN A 111 -44.76 11.87 17.16
C ASN A 111 -43.69 11.57 18.21
N ASP A 112 -44.15 11.30 19.43
CA ASP A 112 -43.29 10.77 20.49
C ASP A 112 -43.73 9.35 20.85
N ASP A 113 -44.48 8.71 19.95
CA ASP A 113 -44.95 7.35 20.18
C ASP A 113 -43.76 6.44 20.35
N GLU A 114 -43.56 5.94 21.56
CA GLU A 114 -42.48 5.00 21.81
C GLU A 114 -42.69 3.73 20.99
N SER A 115 -43.94 3.45 20.64
CA SER A 115 -44.31 2.28 19.83
C SER A 115 -43.85 2.40 18.38
N GLN A 116 -43.90 3.59 17.83
CA GLN A 116 -43.55 3.83 16.44
C GLN A 116 -42.04 4.02 16.26
N HIS A 117 -41.39 4.66 17.24
CA HIS A 117 -39.92 4.77 17.28
C HIS A 117 -39.33 3.37 17.35
N GLU A 118 -39.86 2.56 18.28
CA GLU A 118 -39.58 1.11 18.38
C GLU A 118 -39.50 0.48 16.99
N LEU A 119 -40.62 0.54 16.27
CA LEU A 119 -40.73 -0.04 14.94
C LEU A 119 -39.60 0.45 14.03
N ILE A 120 -39.31 1.75 14.08
CA ILE A 120 -38.36 2.37 13.13
C ILE A 120 -36.94 1.88 13.37
N ARG A 121 -36.47 1.98 14.61
CA ARG A 121 -35.15 1.47 15.01
C ARG A 121 -34.98 0.01 14.59
N THR A 122 -36.03 -0.77 14.86
CA THR A 122 -36.08 -2.19 14.53
C THR A 122 -36.01 -2.47 13.03
N THR A 123 -36.74 -1.68 12.26
CA THR A 123 -36.90 -1.98 10.85
C THR A 123 -35.74 -1.40 10.06
N ILE A 124 -35.71 -0.07 9.95
CA ILE A 124 -34.74 0.63 9.11
C ILE A 124 -33.36 0.49 9.69
N ILE A 125 -32.39 0.34 8.81
CA ILE A 125 -31.05 -0.02 9.23
C ILE A 125 -30.00 0.52 8.27
N ASN A 126 -28.98 1.16 8.87
CA ASN A 126 -27.91 1.78 8.14
C ASN A 126 -26.68 0.91 8.26
N PRO A 127 -26.36 0.14 7.21
CA PRO A 127 -25.21 -0.78 7.27
C PRO A 127 -23.91 -0.06 7.63
N ILE A 128 -23.73 1.13 7.08
CA ILE A 128 -22.52 1.90 7.30
C ILE A 128 -22.36 2.25 8.78
N ALA A 129 -23.45 2.68 9.43
CA ALA A 129 -23.42 3.02 10.85
C ALA A 129 -23.06 1.80 11.71
N GLU A 130 -23.75 0.70 11.44
CA GLU A 130 -23.54 -0.56 12.14
C GLU A 130 -22.10 -1.07 11.92
N SER A 131 -21.57 -0.82 10.72
CA SER A 131 -20.24 -1.30 10.36
C SER A 131 -19.11 -0.48 10.96
N ASN A 132 -19.46 0.56 11.72
CA ASN A 132 -18.49 1.29 12.53
C ASN A 132 -18.78 1.10 14.01
N GLY A 133 -19.64 0.13 14.32
CA GLY A 133 -20.07 -0.14 15.69
C GLY A 133 -21.04 0.90 16.24
N VAL A 134 -21.78 1.55 15.36
CA VAL A 134 -22.72 2.57 15.76
C VAL A 134 -24.13 2.07 15.52
N GLY A 135 -25.02 2.33 16.47
CA GLY A 135 -26.43 1.96 16.39
C GLY A 135 -27.35 3.13 16.67
N TRP A 136 -28.65 2.92 16.47
CA TRP A 136 -29.68 3.92 16.77
C TRP A 136 -29.56 4.60 18.14
N ASP A 137 -29.12 3.83 19.13
CA ASP A 137 -28.99 4.34 20.49
C ASP A 137 -28.09 5.59 20.59
N SER A 138 -27.16 5.76 19.66
CA SER A 138 -26.30 6.94 19.63
C SER A 138 -27.07 8.23 19.32
N GLY A 139 -28.30 8.07 18.82
CA GLY A 139 -29.13 9.20 18.45
C GLY A 139 -29.65 8.98 17.05
N PRO A 140 -30.84 9.51 16.74
CA PRO A 140 -31.39 9.33 15.39
C PRO A 140 -30.61 10.14 14.38
N GLU A 141 -30.40 11.42 14.68
CA GLU A 141 -29.78 12.33 13.73
C GLU A 141 -28.38 11.87 13.36
N ILE A 142 -27.63 11.46 14.38
CA ILE A 142 -26.28 10.99 14.17
C ILE A 142 -26.27 9.65 13.40
N TYR A 143 -27.25 8.79 13.65
CA TYR A 143 -27.28 7.45 13.04
C TYR A 143 -27.53 7.55 11.54
N LEU A 144 -28.49 8.37 11.16
CA LEU A 144 -28.86 8.51 9.77
C LEU A 144 -27.86 9.35 8.97
N SER A 145 -27.06 10.17 9.66
CA SER A 145 -26.07 11.01 8.96
C SER A 145 -25.03 10.15 8.25
N PHE A 146 -24.81 8.94 8.76
CA PHE A 146 -23.93 7.97 8.10
C PHE A 146 -24.38 7.55 6.71
N PHE A 147 -25.64 7.79 6.33
CA PHE A 147 -26.07 7.51 4.96
C PHE A 147 -25.46 8.56 4.07
N PRO A 148 -25.14 8.20 2.81
CA PRO A 148 -24.69 9.25 1.90
C PRO A 148 -25.90 10.04 1.38
N GLY A 149 -25.64 11.23 0.87
CA GLY A 149 -26.70 12.09 0.43
C GLY A 149 -27.20 13.03 1.51
N THR A 150 -26.91 12.73 2.79
CA THR A 150 -27.43 13.57 3.90
C THR A 150 -26.69 14.89 4.08
N GLU A 151 -25.56 15.06 3.37
CA GLU A 151 -24.86 16.34 3.33
C GLU A 151 -25.67 17.39 2.58
N MET A 152 -26.67 16.95 1.81
CA MET A 152 -27.63 17.86 1.22
C MET A 152 -28.43 18.66 2.27
N PHE A 153 -28.49 18.17 3.50
CA PHE A 153 -29.33 18.75 4.54
C PHE A 153 -28.58 18.95 5.85
N LEU A 154 -27.48 19.69 5.78
CA LEU A 154 -26.59 19.80 6.93
C LEU A 154 -27.28 20.30 8.19
N GLU A 155 -28.16 21.29 8.05
CA GLU A 155 -28.89 21.79 9.20
C GLU A 155 -29.68 20.65 9.79
N THR A 156 -30.53 20.06 8.97
CA THR A 156 -31.45 19.03 9.43
C THR A 156 -30.75 17.92 10.19
N PHE A 157 -29.54 17.56 9.79
CA PHE A 157 -28.79 16.54 10.49
C PHE A 157 -27.71 17.08 11.43
N LYS A 158 -27.86 18.32 11.84
CA LYS A 158 -27.04 18.93 12.88
C LYS A 158 -25.55 18.84 12.59
N PHE A 159 -25.17 19.16 11.35
CA PHE A 159 -23.79 19.10 10.88
C PHE A 159 -23.15 17.72 10.88
N TYR A 160 -23.87 16.72 11.38
CA TYR A 160 -23.24 15.42 11.62
C TYR A 160 -22.64 14.80 10.35
N PRO A 161 -23.34 14.94 9.21
CA PRO A 161 -22.76 14.48 7.95
C PRO A 161 -21.37 15.09 7.62
N LEU A 162 -21.15 16.34 8.00
CA LEU A 162 -19.88 17.00 7.73
C LEU A 162 -18.84 16.51 8.70
N THR A 163 -19.21 16.46 9.99
CA THR A 163 -18.26 16.16 11.06
C THR A 163 -17.86 14.68 11.10
N ILE A 164 -18.81 13.79 10.79
CA ILE A 164 -18.48 12.39 10.55
C ILE A 164 -17.36 12.29 9.52
N GLY A 165 -17.53 13.00 8.42
CA GLY A 165 -16.53 13.06 7.37
C GLY A 165 -15.20 13.63 7.84
N ILE A 166 -15.26 14.65 8.69
CA ILE A 166 -14.05 15.25 9.22
C ILE A 166 -13.34 14.26 10.12
N HIS A 167 -14.08 13.66 11.05
CA HIS A 167 -13.49 12.68 11.97
C HIS A 167 -12.89 11.55 11.18
N ARG A 168 -13.61 11.12 10.15
CA ARG A 168 -13.12 10.09 9.26
C ARG A 168 -11.76 10.42 8.65
N VAL A 169 -11.57 11.66 8.23
CA VAL A 169 -10.30 12.06 7.64
C VAL A 169 -9.23 12.20 8.71
N LYS A 170 -9.55 12.90 9.79
CA LYS A 170 -8.67 12.97 10.97
C LYS A 170 -8.07 11.61 11.39
N GLN A 171 -8.84 10.53 11.22
CA GLN A 171 -8.38 9.17 11.55
C GLN A 171 -7.70 8.45 10.39
N GLY A 172 -7.57 9.10 9.25
CA GLY A 172 -7.06 8.45 8.04
C GLY A 172 -7.88 7.25 7.59
N MET A 173 -9.18 7.26 7.89
CA MET A 173 -10.10 6.21 7.45
C MET A 173 -10.69 6.58 6.11
N MET A 174 -10.50 7.82 5.68
CA MET A 174 -11.16 8.30 4.48
C MET A 174 -10.23 9.18 3.67
N ASP A 175 -10.46 9.17 2.35
CA ASP A 175 -9.75 10.05 1.42
C ASP A 175 -10.45 11.43 1.42
N PRO A 176 -9.69 12.52 1.69
CA PRO A 176 -10.26 13.87 1.76
C PRO A 176 -11.02 14.37 0.54
N GLN A 177 -10.83 13.75 -0.62
CA GLN A 177 -11.57 14.16 -1.82
C GLN A 177 -13.06 14.05 -1.59
N TYR A 178 -13.43 13.05 -0.79
CA TYR A 178 -14.83 12.73 -0.57
C TYR A 178 -15.54 13.70 0.40
N LEU A 179 -14.77 14.49 1.15
CA LEU A 179 -15.36 15.54 1.98
C LEU A 179 -15.84 16.72 1.17
N LYS A 180 -15.21 16.97 0.02
CA LYS A 180 -15.45 18.17 -0.76
C LYS A 180 -16.93 18.37 -1.05
N LYS A 181 -17.66 17.27 -1.29
CA LYS A 181 -19.12 17.30 -1.49
C LYS A 181 -19.83 18.18 -0.47
N ALA A 182 -19.55 17.92 0.79
CA ALA A 182 -20.22 18.61 1.89
C ALA A 182 -19.84 20.07 1.97
N LEU A 183 -18.55 20.35 1.79
CA LEU A 183 -18.02 21.70 1.99
C LEU A 183 -18.58 22.75 1.05
N ARG A 184 -19.28 22.35 -0.01
CA ARG A 184 -19.89 23.30 -0.92
C ARG A 184 -21.40 23.42 -0.66
N GLN A 185 -21.90 22.64 0.30
CA GLN A 185 -23.32 22.63 0.63
C GLN A 185 -23.69 23.79 1.53
N ARG A 186 -24.98 23.96 1.81
CA ARG A 186 -25.48 25.05 2.64
C ARG A 186 -25.81 24.59 4.04
N TYR A 187 -25.96 25.55 4.95
CA TYR A 187 -26.56 25.30 6.26
C TYR A 187 -27.92 26.02 6.31
N GLY A 188 -28.92 25.43 5.67
CA GLY A 188 -30.24 26.04 5.57
C GLY A 188 -30.26 27.22 4.60
N THR A 189 -29.74 28.36 5.04
CA THR A 189 -29.81 29.58 4.24
C THR A 189 -28.46 30.28 4.07
N LEU A 190 -27.36 29.60 4.39
CA LEU A 190 -26.03 30.20 4.27
C LEU A 190 -25.18 29.59 3.16
N THR A 191 -24.26 30.38 2.64
CA THR A 191 -23.21 29.86 1.77
C THR A 191 -22.28 29.10 2.66
N ALA A 192 -21.49 28.21 2.06
CA ALA A 192 -20.35 27.61 2.74
C ALA A 192 -19.48 28.71 3.34
N ASP A 193 -19.06 29.64 2.49
CA ASP A 193 -18.26 30.79 2.91
C ASP A 193 -18.75 31.37 4.23
N LYS A 194 -20.05 31.45 4.39
CA LYS A 194 -20.60 32.06 5.58
C LYS A 194 -20.55 31.09 6.74
N TRP A 195 -21.14 29.91 6.57
CA TRP A 195 -21.26 29.00 7.72
C TRP A 195 -19.94 28.46 8.23
N MET A 196 -18.94 28.40 7.34
CA MET A 196 -17.55 28.05 7.73
C MET A 196 -16.92 29.12 8.61
N SER A 197 -17.31 30.38 8.36
CA SER A 197 -16.87 31.54 9.13
C SER A 197 -17.52 31.64 10.53
N GLN A 198 -18.83 31.42 10.57
CA GLN A 198 -19.64 31.76 11.74
C GLN A 198 -19.97 30.59 12.65
N LYS A 199 -20.52 29.54 12.06
CA LYS A 199 -20.98 28.39 12.83
C LYS A 199 -19.85 27.42 13.16
N VAL A 200 -18.72 27.94 13.63
CA VAL A 200 -17.54 27.11 13.88
C VAL A 200 -17.65 26.38 15.21
N ALA A 201 -18.13 27.09 16.22
CA ALA A 201 -18.31 26.52 17.54
C ALA A 201 -19.37 25.41 17.48
N ALA A 202 -20.47 25.67 16.78
CA ALA A 202 -21.56 24.70 16.59
C ALA A 202 -21.06 23.42 15.93
N ILE A 203 -20.16 23.58 14.97
CA ILE A 203 -19.54 22.45 14.29
C ILE A 203 -18.65 21.64 15.23
N ALA A 204 -17.77 22.30 15.97
CA ALA A 204 -16.85 21.62 16.89
C ALA A 204 -17.61 20.82 17.93
N LYS A 205 -18.78 21.31 18.33
CA LYS A 205 -19.67 20.54 19.20
C LYS A 205 -20.09 19.25 18.48
N SER A 206 -20.70 19.41 17.32
CA SER A 206 -21.14 18.29 16.49
C SER A 206 -20.00 17.28 16.30
N LEU A 207 -18.79 17.78 16.13
CA LEU A 207 -17.61 16.93 16.07
C LEU A 207 -17.41 16.19 17.39
N LYS A 208 -17.36 16.89 18.52
CA LYS A 208 -17.17 16.22 19.83
C LYS A 208 -18.15 15.08 20.02
N ASP A 209 -19.41 15.30 19.63
CA ASP A 209 -20.44 14.27 19.68
C ASP A 209 -20.01 13.07 18.81
N VAL A 210 -19.63 13.33 17.57
CA VAL A 210 -19.18 12.27 16.65
C VAL A 210 -17.94 11.56 17.18
N GLU A 211 -17.03 12.31 17.79
CA GLU A 211 -15.80 11.74 18.30
C GLU A 211 -16.05 10.85 19.51
N GLN A 212 -17.15 11.08 20.23
CA GLN A 212 -17.48 10.28 21.41
C GLN A 212 -18.35 9.06 21.09
N LEU A 213 -18.46 8.69 19.83
CA LEU A 213 -19.21 7.50 19.48
C LEU A 213 -18.31 6.32 19.70
N LYS A 214 -18.91 5.15 19.90
CA LYS A 214 -18.17 3.92 20.13
C LYS A 214 -17.67 3.37 18.82
N TRP A 215 -16.61 4.00 18.30
CA TRP A 215 -16.07 3.67 16.98
C TRP A 215 -15.36 2.32 16.99
N GLY A 216 -16.14 1.25 17.05
CA GLY A 216 -15.62 -0.07 16.72
C GLY A 216 -15.49 -0.07 15.21
N LYS A 217 -15.57 -1.25 14.62
CA LYS A 217 -15.58 -1.40 13.17
C LYS A 217 -15.82 -2.87 12.93
N GLY A 218 -17.04 -3.18 12.50
CA GLY A 218 -17.55 -4.52 12.57
C GLY A 218 -18.18 -4.63 13.95
N GLY A 219 -19.46 -4.95 13.96
CA GLY A 219 -20.17 -5.14 15.21
C GLY A 219 -19.75 -6.44 15.89
N LEU A 220 -20.39 -6.73 17.02
CA LEU A 220 -20.20 -7.96 17.79
C LEU A 220 -21.45 -8.12 18.67
N SER A 221 -22.09 -9.29 18.64
CA SER A 221 -23.41 -9.47 19.28
C SER A 221 -23.39 -9.05 20.75
N ASP A 222 -24.51 -8.54 21.24
CA ASP A 222 -24.54 -7.96 22.59
C ASP A 222 -24.21 -9.01 23.65
N THR A 223 -24.57 -10.27 23.38
CA THR A 223 -24.24 -11.37 24.28
C THR A 223 -22.74 -11.61 24.37
N ALA A 224 -22.04 -11.39 23.25
CA ALA A 224 -20.59 -11.57 23.20
C ALA A 224 -19.83 -10.61 24.10
N LYS A 225 -20.34 -9.40 24.25
CA LYS A 225 -19.67 -8.37 25.04
C LYS A 225 -19.77 -8.67 26.51
N THR A 226 -20.99 -8.98 26.96
CA THR A 226 -21.26 -9.35 28.35
C THR A 226 -20.53 -10.65 28.73
N PHE A 227 -20.44 -11.57 27.77
CA PHE A 227 -19.62 -12.75 27.95
C PHE A 227 -18.18 -12.31 28.15
N LEU A 228 -17.58 -11.70 27.13
CA LEU A 228 -16.18 -11.26 27.21
C LEU A 228 -15.85 -10.37 28.40
N GLN A 229 -16.84 -9.63 28.88
CA GLN A 229 -16.66 -8.82 30.07
C GLN A 229 -16.48 -9.67 31.32
N LYS A 230 -16.84 -10.96 31.26
CA LYS A 230 -16.52 -11.90 32.34
C LYS A 230 -15.02 -12.14 32.42
N PHE A 231 -14.35 -12.13 31.29
CA PHE A 231 -12.91 -12.40 31.26
C PHE A 231 -12.08 -11.10 31.20
N GLY A 232 -12.71 -9.96 31.53
CA GLY A 232 -12.01 -8.69 31.62
C GLY A 232 -11.67 -8.09 30.27
N ILE A 233 -12.67 -8.04 29.38
CA ILE A 233 -12.49 -7.47 28.05
C ILE A 233 -13.66 -6.56 27.71
N ARG A 234 -13.36 -5.42 27.08
CA ARG A 234 -14.37 -4.44 26.68
C ARG A 234 -14.08 -3.80 25.33
N LEU B 5 24.94 -13.92 -17.82
CA LEU B 5 26.00 -14.19 -16.77
C LEU B 5 27.31 -13.37 -16.88
N VAL B 6 27.44 -12.51 -17.89
CA VAL B 6 28.70 -11.78 -18.14
C VAL B 6 28.48 -10.26 -18.25
N PHE B 7 29.31 -9.46 -17.58
CA PHE B 7 29.00 -8.02 -17.39
C PHE B 7 30.08 -6.99 -17.78
N TYR B 8 29.61 -5.77 -18.04
CA TYR B 8 30.45 -4.63 -18.39
C TYR B 8 29.69 -3.34 -17.99
N ASP B 9 30.12 -2.17 -18.51
CA ASP B 9 29.46 -0.87 -18.22
C ASP B 9 28.74 -0.29 -19.46
N GLY B 17 21.37 7.07 -23.58
CA GLY B 17 20.73 8.32 -23.21
C GLY B 17 19.54 8.64 -24.09
N PHE B 18 18.42 9.03 -23.47
CA PHE B 18 17.13 9.25 -24.17
C PHE B 18 16.94 10.70 -24.65
N ASP B 19 16.71 10.92 -25.95
CA ASP B 19 16.60 12.27 -26.53
C ASP B 19 15.17 12.67 -26.90
N PRO B 20 14.45 13.38 -26.01
CA PRO B 20 13.01 13.61 -26.19
C PRO B 20 12.61 14.35 -27.48
N ASP B 21 13.49 15.21 -27.99
CA ASP B 21 13.25 15.82 -29.30
C ASP B 21 13.03 14.74 -30.34
N ALA B 22 13.87 13.72 -30.30
CA ALA B 22 13.72 12.56 -31.18
C ALA B 22 12.42 11.81 -30.86
N GLY B 23 12.23 11.48 -29.58
CA GLY B 23 11.02 10.78 -29.13
C GLY B 23 9.72 11.45 -29.54
N TYR B 24 9.74 12.78 -29.63
CA TYR B 24 8.58 13.54 -30.05
C TYR B 24 8.28 13.29 -31.52
N MET B 25 9.29 13.41 -32.38
CA MET B 25 9.11 13.16 -33.81
C MET B 25 8.57 11.76 -34.04
N ASP B 26 9.13 10.79 -33.31
CA ASP B 26 8.63 9.43 -33.36
C ASP B 26 7.17 9.39 -33.01
N PHE B 27 6.85 10.00 -31.87
CA PHE B 27 5.50 9.95 -31.32
C PHE B 27 4.48 10.63 -32.23
N CYS B 28 4.80 11.84 -32.68
CA CYS B 28 3.92 12.61 -33.57
C CYS B 28 3.64 11.84 -34.87
N VAL B 29 4.69 11.23 -35.43
CA VAL B 29 4.58 10.39 -36.63
C VAL B 29 3.52 9.30 -36.45
N LYS B 30 3.69 8.49 -35.42
CA LYS B 30 2.79 7.39 -35.18
C LYS B 30 1.37 7.82 -34.76
N ASN B 31 1.22 9.05 -34.27
CA ASN B 31 -0.08 9.51 -33.75
C ASN B 31 -0.66 10.81 -34.31
N ALA B 32 0.11 11.57 -35.08
CA ALA B 32 -0.42 12.79 -35.68
C ALA B 32 -1.79 12.48 -36.29
N GLU B 33 -1.81 11.41 -37.08
CA GLU B 33 -3.02 10.76 -37.56
C GLU B 33 -4.21 10.85 -36.57
N SER B 34 -4.07 10.22 -35.40
CA SER B 34 -5.20 9.93 -34.52
C SER B 34 -5.57 10.99 -33.48
N LEU B 35 -4.87 12.11 -33.46
CA LEU B 35 -5.05 13.11 -32.41
C LEU B 35 -6.05 14.19 -32.77
N ASN B 36 -6.69 14.74 -31.74
CA ASN B 36 -7.51 15.95 -31.85
C ASN B 36 -7.63 16.57 -30.46
N LEU B 37 -8.26 17.73 -30.40
CA LEU B 37 -8.36 18.43 -29.11
C LEU B 37 -9.17 17.66 -28.06
N ALA B 38 -10.33 17.16 -28.44
CA ALA B 38 -11.21 16.50 -27.47
C ALA B 38 -10.55 15.26 -26.85
N ALA B 39 -9.73 14.55 -27.63
CA ALA B 39 -8.98 13.42 -27.10
C ALA B 39 -7.99 13.91 -26.07
N VAL B 40 -7.10 14.80 -26.51
CA VAL B 40 -6.06 15.30 -25.63
C VAL B 40 -6.65 15.84 -24.34
N ARG B 41 -7.67 16.69 -24.46
CA ARG B 41 -8.35 17.26 -23.29
C ARG B 41 -8.65 16.20 -22.24
N ILE B 42 -9.20 15.08 -22.70
CA ILE B 42 -9.61 13.98 -21.85
C ILE B 42 -8.41 13.32 -21.23
N PHE B 43 -7.31 13.24 -21.96
CA PHE B 43 -6.08 12.72 -21.38
C PHE B 43 -5.64 13.57 -20.20
N PHE B 44 -5.53 14.87 -20.40
CA PHE B 44 -5.01 15.74 -19.37
C PHE B 44 -5.86 15.76 -18.14
N LEU B 45 -7.14 15.44 -18.29
CA LEU B 45 -8.04 15.34 -17.14
C LEU B 45 -7.75 14.08 -16.33
N ASN B 46 -7.51 12.98 -17.03
CA ASN B 46 -7.32 11.70 -16.36
C ASN B 46 -5.86 11.24 -16.27
N ALA B 47 -4.93 12.15 -16.55
CA ALA B 47 -3.51 11.88 -16.34
C ALA B 47 -3.35 11.27 -14.96
N ALA B 48 -4.07 11.85 -13.99
CA ALA B 48 -4.07 11.37 -12.61
C ALA B 48 -4.64 9.97 -12.49
N LYS B 49 -5.88 9.84 -12.91
CA LYS B 49 -6.65 8.61 -12.74
C LYS B 49 -5.92 7.39 -13.28
N ALA B 50 -5.16 7.55 -14.35
CA ALA B 50 -4.40 6.45 -14.93
C ALA B 50 -3.16 6.11 -14.11
N LYS B 51 -2.47 7.12 -13.57
CA LYS B 51 -1.32 6.87 -12.69
C LYS B 51 -1.74 5.90 -11.60
N ALA B 52 -2.92 6.16 -11.02
CA ALA B 52 -3.49 5.26 -10.03
C ALA B 52 -3.70 3.88 -10.61
N ALA B 53 -4.62 3.75 -11.55
CA ALA B 53 -4.98 2.44 -12.09
C ALA B 53 -3.77 1.60 -12.50
N LEU B 54 -2.83 2.21 -13.21
CA LEU B 54 -1.63 1.48 -13.64
C LEU B 54 -0.79 0.96 -12.48
N SER B 55 -0.85 1.62 -11.34
CA SER B 55 -0.17 1.14 -10.14
C SER B 55 -0.83 -0.13 -9.58
N ARG B 56 -2.13 -0.29 -9.83
CA ARG B 56 -2.86 -1.48 -9.42
C ARG B 56 -2.66 -2.67 -10.38
N LYS B 57 -2.59 -2.38 -11.67
CA LYS B 57 -2.35 -3.42 -12.68
C LYS B 57 -0.93 -3.97 -12.55
N PRO B 58 -0.79 -5.30 -12.41
CA PRO B 58 0.53 -5.91 -12.27
C PRO B 58 1.31 -5.98 -13.59
N GLU B 59 0.61 -5.83 -14.71
CA GLU B 59 1.17 -6.03 -16.04
C GLU B 59 2.33 -5.10 -16.38
N ARG B 60 2.99 -5.38 -17.49
CA ARG B 60 4.16 -4.62 -17.93
C ARG B 60 3.80 -3.53 -18.93
N LYS B 61 2.72 -3.75 -19.69
CA LYS B 61 2.24 -2.76 -20.65
C LYS B 61 0.76 -2.53 -20.41
N ALA B 62 0.23 -1.48 -21.02
CA ALA B 62 -1.20 -1.24 -21.01
C ALA B 62 -1.62 -0.40 -22.19
N ASN B 63 -2.87 -0.58 -22.61
CA ASN B 63 -3.41 0.18 -23.73
C ASN B 63 -4.64 0.95 -23.27
N PRO B 64 -4.42 2.05 -22.53
CA PRO B 64 -5.52 2.88 -22.05
C PRO B 64 -6.16 3.66 -23.19
N LYS B 65 -7.42 4.03 -23.00
CA LYS B 65 -8.15 4.80 -24.01
C LYS B 65 -8.67 6.10 -23.46
N PHE B 66 -8.28 7.19 -24.12
CA PHE B 66 -8.73 8.51 -23.74
C PHE B 66 -9.72 9.01 -24.77
N GLY B 67 -11.00 8.94 -24.40
CA GLY B 67 -12.07 9.30 -25.29
C GLY B 67 -12.20 8.23 -26.33
N GLU B 68 -11.62 8.48 -27.50
CA GLU B 68 -11.62 7.50 -28.58
C GLU B 68 -10.26 7.35 -29.23
N TRP B 69 -9.22 7.44 -28.40
CA TRP B 69 -7.84 7.32 -28.87
C TRP B 69 -7.07 6.42 -27.92
N GLN B 70 -6.94 5.16 -28.30
CA GLN B 70 -6.22 4.17 -27.52
C GLN B 70 -4.73 4.23 -27.85
N VAL B 71 -3.89 3.84 -26.90
CA VAL B 71 -2.46 4.05 -27.05
C VAL B 71 -1.67 3.08 -26.16
N GLU B 72 -0.60 2.51 -26.70
CA GLU B 72 0.24 1.60 -25.93
C GLU B 72 1.20 2.44 -25.11
N VAL B 73 1.04 2.37 -23.80
CA VAL B 73 1.93 3.02 -22.88
C VAL B 73 2.61 1.95 -22.04
N ILE B 74 3.85 2.19 -21.64
CA ILE B 74 4.50 1.30 -20.70
C ILE B 74 4.10 1.63 -19.27
N ASN B 75 3.71 0.59 -18.55
CA ASN B 75 3.42 0.68 -17.14
C ASN B 75 4.62 0.24 -16.33
N ASN B 76 5.14 1.15 -15.52
CA ASN B 76 5.86 0.76 -14.32
C ASN B 76 5.49 1.69 -13.17
N HIS B 77 4.18 1.88 -13.04
CA HIS B 77 3.57 2.55 -11.91
C HIS B 77 3.28 1.50 -10.84
N PHE B 78 3.10 0.25 -11.27
CA PHE B 78 3.02 -0.88 -10.35
C PHE B 78 4.32 -0.91 -9.52
N PRO B 79 4.20 -1.13 -8.20
CA PRO B 79 5.36 -1.14 -7.32
C PRO B 79 6.59 -1.86 -7.90
N GLY B 80 6.38 -3.11 -8.32
CA GLY B 80 7.47 -3.99 -8.75
C GLY B 80 8.17 -3.62 -10.04
N ASN B 81 7.45 -3.00 -10.97
CA ASN B 81 8.01 -2.69 -12.28
C ASN B 81 8.91 -1.45 -12.32
N ARG B 82 8.89 -0.65 -11.24
CA ARG B 82 9.51 0.68 -11.23
C ARG B 82 10.90 0.79 -11.85
N ASN B 83 11.65 -0.32 -11.89
CA ASN B 83 13.01 -0.34 -12.45
C ASN B 83 13.14 -1.00 -13.83
N ASN B 84 12.04 -1.31 -14.50
CA ASN B 84 12.09 -1.94 -15.82
C ASN B 84 12.58 -0.95 -16.88
N PRO B 85 13.72 -1.24 -17.56
CA PRO B 85 14.30 -0.26 -18.50
C PRO B 85 13.38 0.04 -19.69
N ILE B 86 13.56 1.22 -20.29
CA ILE B 86 12.60 1.78 -21.25
C ILE B 86 13.29 2.43 -22.45
N GLY B 87 12.85 2.02 -23.64
CA GLY B 87 13.43 2.48 -24.89
C GLY B 87 13.06 3.90 -25.18
N ASN B 88 13.81 4.54 -26.07
CA ASN B 88 13.65 5.96 -26.36
C ASN B 88 12.40 6.32 -27.16
N ASN B 89 11.74 5.31 -27.73
CA ASN B 89 10.47 5.51 -28.41
C ASN B 89 9.26 5.14 -27.56
N ASP B 90 9.52 4.51 -26.41
CA ASP B 90 8.46 4.09 -25.52
C ASP B 90 7.78 5.26 -24.85
N LEU B 91 6.51 5.08 -24.52
CA LEU B 91 5.72 6.07 -23.84
C LEU B 91 5.42 5.66 -22.41
N THR B 92 5.52 6.63 -21.50
CA THR B 92 4.87 6.58 -20.20
C THR B 92 3.89 7.73 -20.15
N ILE B 93 3.04 7.74 -19.13
CA ILE B 93 2.11 8.85 -18.95
C ILE B 93 2.88 10.16 -18.88
N HIS B 94 3.96 10.16 -18.11
CA HIS B 94 4.82 11.34 -17.99
C HIS B 94 5.25 11.82 -19.38
N ARG B 95 5.81 10.91 -20.16
CA ARG B 95 6.30 11.29 -21.47
C ARG B 95 5.19 11.71 -22.40
N LEU B 96 4.01 11.13 -22.25
CA LEU B 96 2.85 11.64 -23.01
C LEU B 96 2.58 13.06 -22.59
N SER B 97 2.24 13.23 -21.32
CA SER B 97 1.94 14.54 -20.77
C SER B 97 2.88 15.59 -21.36
N GLY B 98 4.17 15.28 -21.43
CA GLY B 98 5.14 16.18 -22.01
C GLY B 98 4.93 16.38 -23.50
N TYR B 99 5.00 15.29 -24.26
CA TYR B 99 4.80 15.33 -25.70
C TYR B 99 3.50 16.06 -26.03
N LEU B 100 2.43 15.62 -25.39
CA LEU B 100 1.11 16.15 -25.66
C LEU B 100 1.01 17.63 -25.31
N ALA B 101 1.68 18.05 -24.24
CA ALA B 101 1.75 19.47 -23.95
C ALA B 101 2.40 20.20 -25.12
N ARG B 102 3.53 19.68 -25.58
CA ARG B 102 4.22 20.29 -26.70
C ARG B 102 3.32 20.37 -27.94
N TRP B 103 2.51 19.33 -28.14
CA TRP B 103 1.60 19.26 -29.26
C TRP B 103 0.63 20.42 -29.27
N VAL B 104 0.08 20.70 -28.10
CA VAL B 104 -0.90 21.79 -27.98
C VAL B 104 -0.28 23.12 -28.40
N LEU B 105 0.90 23.40 -27.85
CA LEU B 105 1.61 24.63 -28.18
C LEU B 105 1.81 24.74 -29.68
N ASP B 106 2.24 23.65 -30.29
CA ASP B 106 2.46 23.62 -31.73
C ASP B 106 1.14 23.92 -32.45
N GLN B 107 0.03 23.36 -31.95
CA GLN B 107 -1.28 23.67 -32.49
C GLN B 107 -1.58 25.17 -32.43
N TYR B 108 -1.16 25.79 -31.33
CA TYR B 108 -1.47 27.18 -31.08
C TYR B 108 -0.67 28.08 -32.02
N ASN B 109 0.63 27.83 -32.13
CA ASN B 109 1.54 28.65 -32.94
C ASN B 109 1.48 28.38 -34.45
N GLU B 110 0.95 27.22 -34.81
CA GLU B 110 0.48 26.92 -36.16
C GLU B 110 -0.11 28.13 -36.89
N ASN B 111 -0.99 28.86 -36.18
CA ASN B 111 -1.80 29.90 -36.77
C ASN B 111 -1.88 31.17 -35.95
N ASP B 112 -2.66 32.13 -36.48
CA ASP B 112 -3.07 33.34 -35.77
C ASP B 112 -4.56 33.36 -35.42
N ASP B 113 -5.35 32.49 -36.07
CA ASP B 113 -6.79 32.43 -35.85
C ASP B 113 -7.15 32.70 -34.40
N GLU B 114 -7.83 33.81 -34.15
CA GLU B 114 -8.36 34.05 -32.81
C GLU B 114 -9.46 33.03 -32.51
N SER B 115 -10.23 32.64 -33.54
CA SER B 115 -11.28 31.64 -33.36
C SER B 115 -10.71 30.29 -32.87
N GLN B 116 -9.69 29.79 -33.57
CA GLN B 116 -9.05 28.52 -33.23
C GLN B 116 -8.27 28.63 -31.90
N HIS B 117 -7.46 29.67 -31.75
CA HIS B 117 -6.81 29.96 -30.46
C HIS B 117 -7.81 29.86 -29.30
N GLU B 118 -9.02 30.41 -29.50
CA GLU B 118 -10.04 30.40 -28.45
C GLU B 118 -10.60 29.00 -28.25
N LEU B 119 -10.66 28.21 -29.31
CA LEU B 119 -11.06 26.79 -29.20
C LEU B 119 -10.11 25.99 -28.29
N ILE B 120 -8.81 26.26 -28.39
CA ILE B 120 -7.83 25.60 -27.54
C ILE B 120 -8.00 26.03 -26.09
N ARG B 121 -8.04 27.34 -25.85
CA ARG B 121 -8.25 27.88 -24.51
C ARG B 121 -9.56 27.41 -23.90
N THR B 122 -10.48 26.95 -24.74
CA THR B 122 -11.77 26.47 -24.31
C THR B 122 -11.72 24.97 -24.10
N THR B 123 -11.19 24.25 -25.08
CA THR B 123 -11.18 22.79 -25.03
C THR B 123 -10.13 22.24 -24.05
N ILE B 124 -8.88 22.66 -24.21
CA ILE B 124 -7.77 22.15 -23.41
C ILE B 124 -7.69 22.85 -22.08
N ILE B 125 -7.54 22.05 -21.03
CA ILE B 125 -7.59 22.55 -19.67
C ILE B 125 -6.55 21.83 -18.81
N ASN B 126 -5.88 22.60 -17.96
CA ASN B 126 -4.79 22.11 -17.13
C ASN B 126 -5.12 22.31 -15.67
N PRO B 127 -5.58 21.24 -15.00
CA PRO B 127 -5.94 21.38 -13.59
C PRO B 127 -4.80 21.87 -12.72
N ILE B 128 -3.61 21.29 -12.89
CA ILE B 128 -2.49 21.67 -12.03
C ILE B 128 -2.24 23.18 -12.10
N ALA B 129 -2.35 23.74 -13.30
CA ALA B 129 -2.26 25.19 -13.49
C ALA B 129 -3.46 25.91 -12.84
N GLU B 130 -4.67 25.50 -13.19
CA GLU B 130 -5.85 26.18 -12.67
C GLU B 130 -5.95 26.07 -11.16
N SER B 131 -5.46 24.98 -10.56
CA SER B 131 -5.47 24.82 -9.10
C SER B 131 -4.58 25.87 -8.42
N ASN B 132 -3.67 26.46 -9.17
CA ASN B 132 -2.83 27.56 -8.68
C ASN B 132 -3.28 28.90 -9.22
N GLY B 133 -4.50 28.97 -9.75
CA GLY B 133 -5.06 30.22 -10.28
C GLY B 133 -4.48 30.73 -11.60
N VAL B 134 -3.75 29.85 -12.30
CA VAL B 134 -3.06 30.21 -13.52
C VAL B 134 -3.90 29.73 -14.72
N GLY B 135 -4.22 30.66 -15.62
CA GLY B 135 -5.05 30.36 -16.78
C GLY B 135 -4.36 30.74 -18.08
N TRP B 136 -5.02 30.42 -19.18
CA TRP B 136 -4.49 30.66 -20.53
C TRP B 136 -4.07 32.10 -20.79
N ASP B 137 -4.78 33.03 -20.13
CA ASP B 137 -4.46 34.46 -20.17
C ASP B 137 -3.01 34.77 -19.76
N SER B 138 -2.40 33.91 -18.96
CA SER B 138 -1.02 34.14 -18.50
C SER B 138 0.01 33.98 -19.60
N GLY B 139 -0.29 33.10 -20.56
CA GLY B 139 0.63 32.79 -21.64
C GLY B 139 0.47 31.32 -21.99
N PRO B 140 0.44 30.98 -23.28
CA PRO B 140 0.35 29.55 -23.63
C PRO B 140 1.52 28.71 -23.11
N GLU B 141 2.74 29.24 -23.25
CA GLU B 141 3.93 28.57 -22.71
C GLU B 141 3.75 28.40 -21.22
N ILE B 142 3.69 29.50 -20.49
CA ILE B 142 3.67 29.45 -19.04
C ILE B 142 2.52 28.61 -18.50
N TYR B 143 1.39 28.65 -19.19
CA TYR B 143 0.22 27.86 -18.79
C TYR B 143 0.52 26.39 -18.92
N LEU B 144 0.95 25.99 -20.10
CA LEU B 144 1.18 24.60 -20.38
C LEU B 144 2.39 24.01 -19.59
N SER B 145 3.25 24.88 -19.08
CA SER B 145 4.43 24.44 -18.33
C SER B 145 4.08 23.75 -17.01
N PHE B 146 2.86 23.91 -16.53
CA PHE B 146 2.44 23.25 -15.29
C PHE B 146 2.27 21.76 -15.49
N PHE B 147 1.91 21.35 -16.70
CA PHE B 147 1.82 19.92 -17.00
C PHE B 147 3.18 19.25 -16.81
N PRO B 148 3.19 18.12 -16.08
CA PRO B 148 4.41 17.34 -15.88
C PRO B 148 4.93 16.76 -17.19
N GLY B 149 6.24 16.56 -17.29
CA GLY B 149 6.86 16.09 -18.53
C GLY B 149 7.32 17.22 -19.45
N THR B 150 7.04 18.46 -19.10
CA THR B 150 7.44 19.58 -19.94
C THR B 150 8.89 19.95 -19.69
N GLU B 151 9.47 19.40 -18.62
CA GLU B 151 10.88 19.55 -18.35
C GLU B 151 11.74 19.03 -19.50
N MET B 152 11.18 18.12 -20.31
CA MET B 152 11.87 17.57 -21.47
C MET B 152 12.12 18.61 -22.55
N PHE B 153 11.37 19.72 -22.50
CA PHE B 153 11.45 20.72 -23.53
C PHE B 153 11.62 22.13 -22.95
N LEU B 154 12.75 22.35 -22.29
CA LEU B 154 13.02 23.62 -21.60
C LEU B 154 13.16 24.78 -22.57
N GLU B 155 13.81 24.55 -23.70
CA GLU B 155 13.93 25.63 -24.67
C GLU B 155 12.55 25.94 -25.23
N THR B 156 11.79 24.90 -25.57
CA THR B 156 10.45 25.10 -26.14
C THR B 156 9.56 25.86 -25.17
N PHE B 157 9.63 25.49 -23.88
CA PHE B 157 8.80 26.12 -22.85
C PHE B 157 9.56 27.15 -22.02
N LYS B 158 10.54 27.82 -22.61
CA LYS B 158 11.15 29.03 -22.04
C LYS B 158 11.51 28.93 -20.54
N PHE B 159 12.15 27.84 -20.17
CA PHE B 159 12.56 27.56 -18.78
C PHE B 159 11.44 27.55 -17.76
N TYR B 160 10.20 27.65 -18.21
CA TYR B 160 9.09 27.73 -17.27
C TYR B 160 8.94 26.46 -16.43
N PRO B 161 8.95 25.28 -17.06
CA PRO B 161 8.82 24.06 -16.27
C PRO B 161 9.83 24.01 -15.11
N LEU B 162 11.03 24.51 -15.34
CA LEU B 162 12.05 24.59 -14.29
C LEU B 162 11.66 25.61 -13.22
N THR B 163 11.49 26.85 -13.67
CA THR B 163 11.33 27.99 -12.79
C THR B 163 10.04 27.95 -11.98
N ILE B 164 9.00 27.35 -12.54
CA ILE B 164 7.80 27.07 -11.76
C ILE B 164 8.26 26.27 -10.56
N GLY B 165 8.96 25.17 -10.83
CA GLY B 165 9.53 24.32 -9.79
C GLY B 165 10.41 25.05 -8.78
N ILE B 166 11.29 25.90 -9.28
CA ILE B 166 12.12 26.75 -8.40
C ILE B 166 11.23 27.57 -7.47
N HIS B 167 10.32 28.33 -8.07
CA HIS B 167 9.41 29.18 -7.33
C HIS B 167 8.56 28.40 -6.32
N ARG B 168 8.08 27.24 -6.74
CA ARG B 168 7.35 26.32 -5.84
C ARG B 168 8.17 25.90 -4.63
N VAL B 169 9.42 25.53 -4.88
CA VAL B 169 10.32 25.11 -3.81
C VAL B 169 10.59 26.27 -2.85
N LYS B 170 10.85 27.45 -3.41
CA LYS B 170 11.02 28.67 -2.61
C LYS B 170 9.91 28.91 -1.63
N GLN B 171 8.68 28.56 -2.01
CA GLN B 171 7.52 28.81 -1.14
C GLN B 171 7.15 27.58 -0.32
N GLY B 172 8.08 26.61 -0.25
CA GLY B 172 7.86 25.37 0.51
C GLY B 172 6.66 24.55 0.08
N MET B 173 6.23 24.72 -1.16
CA MET B 173 5.06 24.03 -1.67
C MET B 173 5.46 22.78 -2.43
N MET B 174 6.76 22.57 -2.60
CA MET B 174 7.27 21.43 -3.31
C MET B 174 8.54 20.95 -2.65
N ASP B 175 8.67 19.63 -2.48
CA ASP B 175 9.92 19.08 -2.02
C ASP B 175 10.94 19.27 -3.12
N PRO B 176 12.08 19.87 -2.79
CA PRO B 176 13.13 20.07 -3.76
C PRO B 176 13.41 18.86 -4.65
N GLN B 177 13.43 17.66 -4.07
CA GLN B 177 13.85 16.47 -4.82
C GLN B 177 13.11 16.24 -6.13
N TYR B 178 11.96 16.90 -6.28
CA TYR B 178 11.21 16.89 -7.55
C TYR B 178 11.81 17.78 -8.66
N LEU B 179 12.72 18.68 -8.31
CA LEU B 179 13.44 19.50 -9.31
C LEU B 179 14.50 18.70 -10.06
N LYS B 180 15.00 17.63 -9.45
CA LYS B 180 16.11 16.84 -10.00
C LYS B 180 15.89 16.41 -11.45
N LYS B 181 14.66 16.05 -11.77
CA LYS B 181 14.29 15.73 -13.15
C LYS B 181 14.71 16.86 -14.09
N ALA B 182 14.24 18.07 -13.78
CA ALA B 182 14.42 19.22 -14.64
C ALA B 182 15.86 19.70 -14.75
N LEU B 183 16.65 19.51 -13.69
CA LEU B 183 18.00 20.07 -13.61
C LEU B 183 19.03 19.37 -14.47
N ARG B 184 18.72 18.15 -14.89
CA ARG B 184 19.60 17.39 -15.77
C ARG B 184 19.27 17.59 -17.24
N GLN B 185 18.05 18.04 -17.51
CA GLN B 185 17.55 18.21 -18.89
C GLN B 185 18.31 19.29 -19.65
N ARG B 186 18.30 19.20 -20.98
CA ARG B 186 19.04 20.13 -21.82
C ARG B 186 18.29 21.43 -22.07
N TYR B 187 19.00 22.44 -22.57
CA TYR B 187 18.35 23.59 -23.16
C TYR B 187 18.67 23.60 -24.65
N GLY B 188 17.79 22.97 -25.43
CA GLY B 188 18.04 22.76 -26.84
C GLY B 188 19.24 21.84 -27.03
N THR B 189 20.41 22.44 -27.21
CA THR B 189 21.64 21.70 -27.52
C THR B 189 22.78 21.95 -26.51
N LEU B 190 22.43 22.20 -25.25
CA LEU B 190 23.43 22.46 -24.20
C LEU B 190 23.23 21.48 -23.07
N THR B 191 24.34 21.02 -22.50
CA THR B 191 24.29 20.17 -21.31
C THR B 191 23.77 20.98 -20.13
N ALA B 192 23.20 20.30 -19.15
CA ALA B 192 22.87 20.90 -17.87
C ALA B 192 24.05 21.70 -17.33
N ASP B 193 25.24 21.11 -17.40
CA ASP B 193 26.45 21.73 -16.86
C ASP B 193 26.82 23.02 -17.57
N LYS B 194 26.51 23.11 -18.86
CA LYS B 194 26.81 24.31 -19.63
C LYS B 194 25.79 25.41 -19.38
N TRP B 195 24.50 25.11 -19.50
CA TRP B 195 23.48 26.16 -19.41
C TRP B 195 23.25 26.70 -18.00
N MET B 196 23.50 25.88 -16.98
CA MET B 196 23.50 26.40 -15.61
C MET B 196 24.45 27.60 -15.52
N SER B 197 25.50 27.58 -16.35
CA SER B 197 26.49 28.64 -16.41
C SER B 197 26.10 29.79 -17.37
N GLN B 198 25.66 29.43 -18.56
CA GLN B 198 25.46 30.41 -19.63
C GLN B 198 24.13 31.15 -19.60
N LYS B 199 23.06 30.50 -19.17
CA LYS B 199 21.68 31.00 -19.34
C LYS B 199 21.08 31.59 -18.05
N VAL B 200 21.95 32.02 -17.14
CA VAL B 200 21.54 32.40 -15.80
C VAL B 200 20.53 33.56 -15.85
N ALA B 201 20.83 34.59 -16.64
CA ALA B 201 19.96 35.76 -16.74
C ALA B 201 18.62 35.40 -17.35
N ALA B 202 18.68 34.63 -18.42
CA ALA B 202 17.48 34.14 -19.09
C ALA B 202 16.58 33.39 -18.11
N ILE B 203 17.17 32.51 -17.32
CA ILE B 203 16.42 31.77 -16.29
C ILE B 203 15.80 32.71 -15.26
N ALA B 204 16.59 33.70 -14.87
CA ALA B 204 16.15 34.69 -13.90
C ALA B 204 15.02 35.57 -14.45
N LYS B 205 15.03 35.83 -15.75
CA LYS B 205 13.91 36.52 -16.39
C LYS B 205 12.68 35.63 -16.34
N SER B 206 12.85 34.37 -16.72
CA SER B 206 11.76 33.40 -16.75
C SER B 206 11.20 33.10 -15.37
N LEU B 207 11.95 33.44 -14.33
CA LEU B 207 11.47 33.27 -12.96
C LEU B 207 10.63 34.48 -12.54
N LYS B 208 11.13 35.70 -12.78
CA LYS B 208 10.30 36.90 -12.54
C LYS B 208 8.94 36.72 -13.19
N ASP B 209 8.95 36.32 -14.47
CA ASP B 209 7.72 36.05 -15.21
C ASP B 209 6.78 35.16 -14.37
N VAL B 210 7.31 34.07 -13.85
CA VAL B 210 6.56 33.13 -13.01
C VAL B 210 6.08 33.82 -11.73
N GLU B 211 6.98 34.57 -11.09
CA GLU B 211 6.70 35.15 -9.77
C GLU B 211 5.45 36.02 -9.77
N GLN B 212 5.24 36.77 -10.85
CA GLN B 212 4.19 37.75 -10.89
C GLN B 212 2.81 37.23 -11.28
N LEU B 213 2.69 35.93 -11.51
CA LEU B 213 1.39 35.32 -11.72
C LEU B 213 0.56 35.36 -10.44
N LYS B 214 -0.71 34.96 -10.53
CA LYS B 214 -1.62 34.92 -9.40
C LYS B 214 -1.70 33.53 -8.80
N TRP B 215 -1.05 33.33 -7.66
CA TRP B 215 -0.91 32.00 -7.04
C TRP B 215 -2.08 31.53 -6.13
N GLY B 216 -3.00 32.43 -5.84
CA GLY B 216 -4.11 32.12 -4.95
C GLY B 216 -5.26 31.44 -5.65
N LYS B 217 -5.82 32.14 -6.65
CA LYS B 217 -7.17 31.86 -7.16
C LYS B 217 -7.32 30.47 -7.79
N GLY B 218 -8.54 30.12 -8.21
CA GLY B 218 -8.79 28.85 -8.90
C GLY B 218 -8.82 27.58 -8.04
N GLY B 219 -7.94 27.51 -7.02
CA GLY B 219 -7.79 26.31 -6.17
C GLY B 219 -8.90 26.13 -5.14
N LEU B 220 -8.55 25.69 -3.94
CA LEU B 220 -9.54 25.57 -2.85
C LEU B 220 -9.59 26.88 -2.08
N SER B 221 -10.80 27.38 -1.83
CA SER B 221 -10.97 28.74 -1.32
C SER B 221 -10.31 28.92 0.04
N ASP B 222 -9.82 30.12 0.28
CA ASP B 222 -8.99 30.46 1.46
C ASP B 222 -9.74 30.26 2.77
N THR B 223 -11.02 30.64 2.75
CA THR B 223 -11.96 30.35 3.82
C THR B 223 -11.86 28.86 4.19
N ALA B 224 -11.98 28.00 3.17
CA ALA B 224 -11.95 26.56 3.36
C ALA B 224 -10.58 26.02 3.77
N LYS B 225 -9.54 26.48 3.10
CA LYS B 225 -8.18 26.19 3.54
C LYS B 225 -8.13 26.24 5.06
N THR B 226 -8.45 27.41 5.60
CA THR B 226 -8.31 27.70 7.02
C THR B 226 -9.29 26.90 7.86
N PHE B 227 -10.56 26.95 7.48
CA PHE B 227 -11.59 26.22 8.19
C PHE B 227 -11.07 24.83 8.55
N LEU B 228 -10.60 24.10 7.55
CA LEU B 228 -10.13 22.73 7.74
C LEU B 228 -8.91 22.64 8.63
N GLN B 229 -8.05 23.64 8.54
CA GLN B 229 -6.90 23.72 9.43
C GLN B 229 -7.34 23.76 10.88
N LYS B 230 -8.42 24.49 11.15
CA LYS B 230 -8.94 24.63 12.52
C LYS B 230 -9.23 23.26 13.13
N PHE B 231 -9.74 22.34 12.32
CA PHE B 231 -9.93 20.96 12.75
C PHE B 231 -8.77 20.06 12.30
N GLY B 232 -7.55 20.59 12.37
CA GLY B 232 -6.33 19.82 12.13
C GLY B 232 -6.28 19.11 10.79
N ILE B 233 -6.38 19.87 9.70
CA ILE B 233 -6.42 19.32 8.34
C ILE B 233 -5.78 20.26 7.28
N ARG B 234 -5.20 19.69 6.22
CA ARG B 234 -4.84 20.42 5.00
C ARG B 234 -4.96 19.51 3.77
N SER C 3 3.86 -16.24 -7.28
CA SER C 3 3.19 -15.89 -8.57
C SER C 3 3.27 -16.98 -9.66
N ASP C 4 3.98 -18.09 -9.39
CA ASP C 4 3.62 -19.38 -10.00
C ASP C 4 3.31 -20.40 -8.88
N LEU C 5 3.11 -19.89 -7.66
CA LEU C 5 2.51 -20.63 -6.55
C LEU C 5 3.03 -22.06 -6.39
N VAL C 6 4.35 -22.18 -6.43
CA VAL C 6 5.01 -23.42 -6.07
C VAL C 6 5.77 -23.14 -4.78
N PHE C 7 5.61 -24.00 -3.79
CA PHE C 7 6.23 -23.79 -2.49
C PHE C 7 7.02 -25.01 -2.09
N TYR C 8 8.04 -24.78 -1.25
CA TYR C 8 8.99 -25.83 -0.84
C TYR C 8 9.32 -25.83 0.65
N ASP C 9 9.91 -26.94 1.10
CA ASP C 9 10.38 -27.12 2.48
C ASP C 9 11.36 -26.04 2.86
N VAL C 10 11.59 -25.87 4.16
CA VAL C 10 12.68 -25.03 4.69
C VAL C 10 13.26 -25.72 5.92
N ALA C 11 14.39 -26.39 5.76
CA ALA C 11 14.91 -27.26 6.83
C ALA C 11 15.45 -26.48 8.03
N SER C 12 15.94 -27.21 9.03
CA SER C 12 16.62 -26.62 10.17
C SER C 12 18.15 -26.73 9.99
N THR C 13 18.63 -27.97 9.98
CA THR C 13 20.07 -28.29 9.96
C THR C 13 20.92 -27.26 10.73
N GLY C 14 20.83 -27.32 12.07
CA GLY C 14 21.44 -26.32 12.95
C GLY C 14 22.96 -26.26 12.94
N ALA C 15 23.48 -25.08 13.30
CA ALA C 15 24.90 -24.82 13.53
C ALA C 15 25.69 -24.41 12.28
N ASN C 16 26.25 -25.37 11.55
CA ASN C 16 27.14 -25.09 10.41
C ASN C 16 28.45 -24.30 10.71
N GLY C 17 28.53 -23.65 11.87
CA GLY C 17 29.74 -22.97 12.35
C GLY C 17 30.54 -22.16 11.34
N PHE C 18 29.84 -21.51 10.41
CA PHE C 18 30.45 -20.69 9.34
C PHE C 18 31.29 -19.54 9.89
N ASP C 19 32.60 -19.60 9.64
CA ASP C 19 33.52 -18.54 10.00
C ASP C 19 33.80 -17.76 8.72
N PRO C 20 33.43 -16.48 8.69
CA PRO C 20 33.66 -15.69 7.49
C PRO C 20 35.13 -15.32 7.31
N ASP C 21 35.83 -15.06 8.42
CA ASP C 21 37.27 -14.79 8.38
C ASP C 21 38.01 -15.97 7.79
N ALA C 22 37.55 -17.18 8.10
CA ALA C 22 38.14 -18.39 7.53
C ALA C 22 37.90 -18.40 6.02
N GLY C 23 36.63 -18.32 5.62
CA GLY C 23 36.28 -18.36 4.21
C GLY C 23 36.93 -17.26 3.39
N TYR C 24 37.15 -16.12 4.05
CA TYR C 24 37.78 -14.97 3.41
C TYR C 24 39.24 -15.23 3.00
N MET C 25 40.00 -15.88 3.88
CA MET C 25 41.40 -16.19 3.59
C MET C 25 41.49 -17.23 2.48
N ASP C 26 40.73 -18.32 2.60
CA ASP C 26 40.62 -19.32 1.54
C ASP C 26 40.35 -18.64 0.21
N PHE C 27 39.48 -17.63 0.25
CA PHE C 27 39.09 -16.93 -0.96
C PHE C 27 40.23 -16.08 -1.52
N CYS C 28 40.83 -15.25 -0.67
CA CYS C 28 41.97 -14.42 -1.07
C CYS C 28 43.11 -15.28 -1.63
N VAL C 29 43.41 -16.38 -0.94
CA VAL C 29 44.40 -17.35 -1.42
C VAL C 29 44.07 -17.77 -2.85
N LYS C 30 42.89 -18.35 -3.03
CA LYS C 30 42.47 -18.90 -4.32
C LYS C 30 42.36 -17.87 -5.45
N ASN C 31 42.16 -16.59 -5.11
CA ASN C 31 41.81 -15.56 -6.10
C ASN C 31 42.66 -14.29 -6.19
N ALA C 32 43.33 -13.90 -5.10
CA ALA C 32 44.13 -12.66 -5.06
C ALA C 32 44.86 -12.39 -6.37
N GLU C 33 45.54 -13.43 -6.85
CA GLU C 33 45.98 -13.56 -8.24
C GLU C 33 45.16 -12.74 -9.25
N SER C 34 43.86 -13.04 -9.36
CA SER C 34 43.01 -12.60 -10.50
C SER C 34 42.18 -11.33 -10.27
N LEU C 35 42.40 -10.64 -9.15
CA LEU C 35 41.56 -9.49 -8.78
C LEU C 35 42.16 -8.13 -9.14
N ASN C 36 41.27 -7.15 -9.25
CA ASN C 36 41.64 -5.79 -9.60
C ASN C 36 40.40 -4.92 -9.59
N LEU C 37 40.61 -3.62 -9.48
CA LEU C 37 39.51 -2.67 -9.30
C LEU C 37 38.47 -2.74 -10.42
N ALA C 38 38.91 -2.94 -11.65
CA ALA C 38 37.98 -3.01 -12.79
C ALA C 38 37.00 -4.16 -12.63
N ALA C 39 37.55 -5.35 -12.35
CA ALA C 39 36.75 -6.55 -12.13
C ALA C 39 35.72 -6.31 -11.03
N VAL C 40 36.22 -5.94 -9.86
CA VAL C 40 35.38 -5.75 -8.71
C VAL C 40 34.38 -4.65 -8.99
N ARG C 41 34.88 -3.48 -9.40
CA ARG C 41 34.01 -2.33 -9.70
C ARG C 41 32.74 -2.82 -10.38
N ILE C 42 32.95 -3.63 -11.41
CA ILE C 42 31.88 -4.20 -12.23
C ILE C 42 30.94 -5.00 -11.35
N PHE C 43 31.47 -6.01 -10.67
CA PHE C 43 30.68 -6.85 -9.78
C PHE C 43 29.65 -6.04 -9.00
N PHE C 44 30.13 -5.07 -8.22
CA PHE C 44 29.24 -4.33 -7.32
C PHE C 44 28.08 -3.64 -8.05
N LEU C 45 28.23 -3.41 -9.35
CA LEU C 45 27.20 -2.77 -10.16
C LEU C 45 26.23 -3.79 -10.75
N ASN C 46 26.71 -5.02 -10.97
CA ASN C 46 25.89 -6.07 -11.53
C ASN C 46 25.58 -7.18 -10.52
N ALA C 47 25.63 -6.85 -9.23
CA ALA C 47 25.37 -7.85 -8.20
C ALA C 47 23.91 -8.28 -8.22
N ALA C 48 23.02 -7.30 -8.10
CA ALA C 48 21.59 -7.54 -8.08
C ALA C 48 21.10 -8.10 -9.41
N LYS C 49 21.71 -7.62 -10.49
CA LYS C 49 21.47 -8.15 -11.83
C LYS C 49 21.72 -9.67 -11.83
N ALA C 50 22.87 -10.07 -11.26
CA ALA C 50 23.29 -11.47 -11.23
C ALA C 50 22.45 -12.32 -10.31
N LYS C 51 21.99 -11.74 -9.20
CA LYS C 51 21.03 -12.43 -8.33
C LYS C 51 19.80 -12.82 -9.15
N ALA C 52 19.15 -11.83 -9.76
CA ALA C 52 17.93 -12.06 -10.52
C ALA C 52 18.10 -13.12 -11.59
N ALA C 53 19.22 -13.07 -12.30
CA ALA C 53 19.49 -14.01 -13.41
C ALA C 53 19.75 -15.46 -12.95
N LEU C 54 20.28 -15.62 -11.75
CA LEU C 54 20.54 -16.94 -11.20
C LEU C 54 19.27 -17.59 -10.68
N SER C 55 18.27 -16.77 -10.36
CA SER C 55 16.96 -17.26 -9.93
C SER C 55 16.09 -17.70 -11.11
N ARG C 56 16.65 -17.67 -12.32
CA ARG C 56 16.07 -18.31 -13.50
C ARG C 56 16.82 -19.61 -13.81
N LYS C 57 18.15 -19.54 -13.84
CA LYS C 57 19.02 -20.70 -14.11
C LYS C 57 18.88 -21.76 -13.04
N PRO C 58 18.35 -22.95 -13.39
CA PRO C 58 18.00 -23.94 -12.37
C PRO C 58 19.20 -24.78 -11.90
N GLU C 59 20.36 -24.60 -12.52
CA GLU C 59 21.54 -25.36 -12.13
C GLU C 59 21.91 -25.06 -10.69
N ARG C 60 22.60 -26.01 -10.05
CA ARG C 60 23.02 -25.86 -8.65
C ARG C 60 24.17 -24.88 -8.51
N LYS C 61 25.19 -25.05 -9.35
CA LYS C 61 26.33 -24.14 -9.39
C LYS C 61 26.28 -23.30 -10.66
N ALA C 62 26.94 -22.15 -10.63
CA ALA C 62 27.09 -21.30 -11.82
C ALA C 62 28.52 -20.78 -11.88
N ASN C 63 28.84 -20.13 -13.00
CA ASN C 63 30.13 -19.48 -13.18
C ASN C 63 29.95 -18.16 -13.94
N PRO C 64 29.64 -17.06 -13.22
CA PRO C 64 29.52 -15.77 -13.86
C PRO C 64 30.87 -15.09 -14.03
N LYS C 65 30.89 -14.02 -14.83
CA LYS C 65 32.13 -13.32 -15.16
C LYS C 65 31.92 -11.81 -15.13
N PHE C 66 32.78 -11.12 -14.38
CA PHE C 66 32.73 -9.66 -14.23
C PHE C 66 34.02 -9.09 -14.78
N GLY C 67 33.89 -8.13 -15.70
CA GLY C 67 35.05 -7.58 -16.41
C GLY C 67 35.75 -8.68 -17.17
N GLU C 68 36.82 -9.19 -16.59
CA GLU C 68 37.48 -10.38 -17.12
C GLU C 68 37.86 -11.31 -15.99
N TRP C 69 36.93 -11.50 -15.06
CA TRP C 69 37.15 -12.36 -13.92
C TRP C 69 35.97 -13.30 -13.73
N GLN C 70 36.25 -14.59 -13.92
CA GLN C 70 35.24 -15.63 -13.78
C GLN C 70 35.46 -16.31 -12.45
N VAL C 71 34.38 -16.88 -11.91
CA VAL C 71 34.43 -17.46 -10.56
C VAL C 71 33.28 -18.44 -10.33
N GLU C 72 33.55 -19.48 -9.56
CA GLU C 72 32.55 -20.50 -9.25
C GLU C 72 31.75 -20.09 -8.01
N VAL C 73 30.49 -19.71 -8.26
CA VAL C 73 29.54 -19.37 -7.21
C VAL C 73 28.51 -20.49 -7.07
N ILE C 74 27.91 -20.61 -5.89
CA ILE C 74 26.81 -21.53 -5.68
C ILE C 74 25.48 -20.81 -5.81
N ASN C 75 24.61 -21.38 -6.62
CA ASN C 75 23.29 -20.82 -6.85
C ASN C 75 22.27 -21.54 -6.01
N ASN C 76 21.58 -20.78 -5.18
CA ASN C 76 20.27 -21.20 -4.71
C ASN C 76 19.37 -20.00 -4.53
N HIS C 77 19.46 -19.10 -5.52
CA HIS C 77 18.51 -18.03 -5.71
C HIS C 77 17.28 -18.63 -6.39
N PHE C 78 17.52 -19.65 -7.20
CA PHE C 78 16.44 -20.42 -7.85
C PHE C 78 15.54 -21.10 -6.80
N PRO C 79 14.21 -20.84 -6.87
CA PRO C 79 13.21 -21.27 -5.87
C PRO C 79 13.43 -22.64 -5.25
N GLY C 80 13.63 -23.65 -6.10
CA GLY C 80 13.76 -25.02 -5.64
C GLY C 80 15.02 -25.29 -4.86
N ASN C 81 16.08 -24.52 -5.14
CA ASN C 81 17.41 -24.80 -4.60
C ASN C 81 17.71 -24.21 -3.20
N ARG C 82 16.80 -23.39 -2.65
CA ARG C 82 17.08 -22.61 -1.42
C ARG C 82 17.56 -23.36 -0.17
N ASN C 83 17.50 -24.69 -0.21
CA ASN C 83 18.00 -25.55 0.89
C ASN C 83 19.30 -26.29 0.58
N ASN C 84 19.85 -26.08 -0.62
CA ASN C 84 21.09 -26.72 -1.01
C ASN C 84 22.21 -26.34 -0.04
N PRO C 85 22.81 -27.33 0.63
CA PRO C 85 23.76 -27.08 1.71
C PRO C 85 25.10 -26.55 1.19
N ILE C 86 25.75 -25.69 1.99
CA ILE C 86 26.91 -24.89 1.54
C ILE C 86 28.12 -24.93 2.51
N GLY C 87 29.27 -25.36 1.99
CA GLY C 87 30.48 -25.48 2.78
C GLY C 87 31.15 -24.14 3.03
N ASN C 88 31.81 -24.02 4.18
CA ASN C 88 32.30 -22.72 4.65
C ASN C 88 33.42 -22.12 3.81
N ASN C 89 33.71 -22.72 2.65
CA ASN C 89 34.63 -22.14 1.69
C ASN C 89 33.95 -21.77 0.39
N ASP C 90 32.66 -22.10 0.28
CA ASP C 90 31.92 -21.88 -0.96
C ASP C 90 31.44 -20.44 -1.04
N LEU C 91 30.95 -20.05 -2.22
CA LEU C 91 30.60 -18.65 -2.49
C LEU C 91 29.15 -18.51 -2.94
N THR C 92 28.47 -17.51 -2.37
CA THR C 92 27.21 -17.00 -2.90
C THR C 92 27.49 -15.57 -3.32
N ILE C 93 26.56 -14.95 -4.03
CA ILE C 93 26.69 -13.53 -4.33
C ILE C 93 26.90 -12.78 -3.03
N HIS C 94 26.06 -13.06 -2.04
CA HIS C 94 26.13 -12.40 -0.74
C HIS C 94 27.55 -12.42 -0.17
N ARG C 95 28.12 -13.61 -0.06
CA ARG C 95 29.41 -13.78 0.57
C ARG C 95 30.50 -13.06 -0.23
N LEU C 96 30.41 -13.10 -1.56
CA LEU C 96 31.34 -12.34 -2.41
C LEU C 96 31.28 -10.87 -2.09
N SER C 97 30.07 -10.32 -2.07
CA SER C 97 29.83 -8.91 -1.79
C SER C 97 30.51 -8.49 -0.49
N GLY C 98 30.44 -9.35 0.52
CA GLY C 98 31.17 -9.17 1.77
C GLY C 98 32.69 -9.32 1.67
N TYR C 99 33.15 -10.40 1.05
CA TYR C 99 34.57 -10.63 0.88
C TYR C 99 35.23 -9.50 0.10
N LEU C 100 34.63 -9.15 -1.05
CA LEU C 100 35.20 -8.11 -1.93
C LEU C 100 35.18 -6.73 -1.29
N ALA C 101 34.15 -6.45 -0.51
CA ALA C 101 34.06 -5.19 0.21
C ALA C 101 35.24 -5.04 1.14
N ARG C 102 35.60 -6.15 1.79
CA ARG C 102 36.77 -6.21 2.67
C ARG C 102 38.07 -6.11 1.89
N TRP C 103 38.14 -6.79 0.75
CA TRP C 103 39.28 -6.72 -0.14
C TRP C 103 39.61 -5.28 -0.50
N VAL C 104 38.59 -4.54 -0.92
CA VAL C 104 38.75 -3.11 -1.22
C VAL C 104 39.29 -2.36 -0.02
N LEU C 105 38.82 -2.68 1.17
CA LEU C 105 39.30 -1.98 2.36
C LEU C 105 40.78 -2.24 2.59
N ASP C 106 41.19 -3.49 2.46
CA ASP C 106 42.60 -3.87 2.60
C ASP C 106 43.48 -3.06 1.65
N GLN C 107 43.03 -2.94 0.40
CA GLN C 107 43.68 -2.13 -0.62
C GLN C 107 43.90 -0.67 -0.16
N TYR C 108 42.81 -0.02 0.23
CA TYR C 108 42.86 1.35 0.73
C TYR C 108 43.92 1.46 1.83
N ASN C 109 43.82 0.58 2.82
CA ASN C 109 44.69 0.60 4.00
C ASN C 109 46.11 0.12 3.77
N GLU C 110 46.31 -0.66 2.71
CA GLU C 110 47.65 -1.09 2.30
C GLU C 110 48.69 0.03 2.43
N ASN C 111 48.40 1.19 1.84
CA ASN C 111 49.33 2.34 1.86
C ASN C 111 48.65 3.61 2.31
N ASP C 112 49.38 4.71 2.27
CA ASP C 112 48.80 6.03 2.41
C ASP C 112 49.00 6.84 1.11
N ASP C 113 49.20 6.13 0.01
CA ASP C 113 49.35 6.77 -1.31
C ASP C 113 48.09 7.52 -1.66
N GLU C 114 48.15 8.84 -1.66
CA GLU C 114 47.00 9.64 -2.04
C GLU C 114 46.60 9.35 -3.50
N SER C 115 47.58 8.88 -4.29
CA SER C 115 47.36 8.53 -5.70
C SER C 115 46.53 7.27 -5.89
N GLN C 116 46.68 6.31 -4.98
CA GLN C 116 45.99 5.04 -5.08
C GLN C 116 44.59 5.11 -4.44
N HIS C 117 44.46 5.86 -3.35
CA HIS C 117 43.16 6.14 -2.74
C HIS C 117 42.29 6.88 -3.76
N GLU C 118 42.86 7.92 -4.38
CA GLU C 118 42.29 8.61 -5.53
C GLU C 118 41.63 7.61 -6.48
N LEU C 119 42.45 6.72 -7.03
CA LEU C 119 42.01 5.72 -7.98
C LEU C 119 40.83 4.92 -7.46
N ILE C 120 40.88 4.54 -6.17
CA ILE C 120 39.86 3.67 -5.59
C ILE C 120 38.50 4.34 -5.46
N ARG C 121 38.49 5.53 -4.84
CA ARG C 121 37.27 6.35 -4.72
C ARG C 121 36.63 6.54 -6.08
N THR C 122 37.47 6.90 -7.04
CA THR C 122 37.07 7.17 -8.42
C THR C 122 36.48 5.96 -9.10
N THR C 123 37.10 4.80 -8.89
CA THR C 123 36.73 3.60 -9.62
C THR C 123 35.57 2.87 -8.94
N ILE C 124 35.84 2.27 -7.79
CA ILE C 124 34.86 1.45 -7.11
C ILE C 124 33.72 2.33 -6.60
N ILE C 125 32.52 1.77 -6.64
CA ILE C 125 31.34 2.55 -6.36
C ILE C 125 30.23 1.68 -5.78
N ASN C 126 29.63 2.18 -4.71
CA ASN C 126 28.57 1.50 -4.02
C ASN C 126 27.27 2.20 -4.33
N PRO C 127 26.48 1.63 -5.25
CA PRO C 127 25.22 2.26 -5.64
C PRO C 127 24.33 2.58 -4.44
N ILE C 128 24.26 1.65 -3.49
CA ILE C 128 23.41 1.79 -2.32
C ILE C 128 23.81 3.01 -1.49
N ALA C 129 25.11 3.20 -1.29
CA ALA C 129 25.60 4.36 -0.53
C ALA C 129 25.22 5.67 -1.24
N GLU C 130 25.52 5.73 -2.53
CA GLU C 130 25.23 6.89 -3.37
C GLU C 130 23.73 7.17 -3.41
N SER C 131 22.93 6.11 -3.37
CA SER C 131 21.47 6.23 -3.44
C SER C 131 20.84 6.67 -2.12
N ASN C 132 21.66 6.89 -1.09
CA ASN C 132 21.21 7.54 0.14
C ASN C 132 21.87 8.90 0.31
N GLY C 133 22.51 9.37 -0.76
CA GLY C 133 23.24 10.62 -0.74
C GLY C 133 24.57 10.52 0.00
N VAL C 134 25.14 9.32 0.09
CA VAL C 134 26.38 9.12 0.80
C VAL C 134 27.46 8.82 -0.21
N GLY C 135 28.66 9.37 0.04
CA GLY C 135 29.82 9.18 -0.81
C GLY C 135 31.06 8.82 -0.01
N TRP C 136 32.12 8.43 -0.71
CA TRP C 136 33.41 8.09 -0.11
C TRP C 136 33.91 9.08 0.95
N ASP C 137 33.63 10.36 0.74
CA ASP C 137 34.05 11.44 1.65
C ASP C 137 33.56 11.25 3.09
N SER C 138 32.45 10.53 3.28
CA SER C 138 31.96 10.19 4.63
C SER C 138 32.90 9.25 5.40
N GLY C 139 33.83 8.62 4.69
CA GLY C 139 34.78 7.68 5.28
C GLY C 139 34.76 6.43 4.42
N PRO C 140 35.87 5.68 4.41
CA PRO C 140 35.90 4.41 3.66
C PRO C 140 35.07 3.32 4.32
N GLU C 141 35.28 3.15 5.64
CA GLU C 141 34.64 2.06 6.38
C GLU C 141 33.14 2.20 6.35
N ILE C 142 32.66 3.41 6.56
CA ILE C 142 31.25 3.67 6.54
C ILE C 142 30.66 3.54 5.15
N TYR C 143 31.42 3.89 4.11
CA TYR C 143 30.93 3.84 2.72
C TYR C 143 30.72 2.40 2.26
N LEU C 144 31.69 1.55 2.54
CA LEU C 144 31.63 0.16 2.10
C LEU C 144 30.68 -0.68 2.95
N SER C 145 30.36 -0.22 4.16
CA SER C 145 29.45 -0.97 5.03
C SER C 145 28.04 -1.03 4.44
N PHE C 146 27.71 -0.08 3.57
CA PHE C 146 26.44 -0.11 2.84
C PHE C 146 26.31 -1.30 1.88
N PHE C 147 27.40 -2.00 1.56
CA PHE C 147 27.30 -3.21 0.72
C PHE C 147 26.72 -4.28 1.59
N PRO C 148 25.96 -5.20 1.00
CA PRO C 148 25.54 -6.34 1.81
C PRO C 148 26.67 -7.37 1.94
N GLY C 149 26.58 -8.22 2.93
CA GLY C 149 27.64 -9.16 3.22
C GLY C 149 28.64 -8.65 4.25
N THR C 150 28.72 -7.33 4.42
CA THR C 150 29.74 -6.77 5.32
C THR C 150 29.43 -6.97 6.80
N GLU C 151 28.23 -7.45 7.11
CA GLU C 151 27.89 -7.85 8.47
C GLU C 151 28.65 -9.12 8.92
N MET C 152 29.25 -9.82 7.95
CA MET C 152 30.16 -10.91 8.24
C MET C 152 31.41 -10.45 9.02
N PHE C 153 31.73 -9.16 8.92
CA PHE C 153 32.98 -8.65 9.45
C PHE C 153 32.80 -7.41 10.34
N LEU C 154 31.92 -7.53 11.34
CA LEU C 154 31.49 -6.33 12.10
C LEU C 154 32.60 -5.52 12.71
N GLU C 155 33.64 -6.19 13.19
CA GLU C 155 34.77 -5.47 13.73
C GLU C 155 35.35 -4.63 12.61
N THR C 156 35.77 -5.32 11.54
CA THR C 156 36.52 -4.72 10.45
C THR C 156 35.85 -3.45 9.92
N PHE C 157 34.52 -3.42 9.93
CA PHE C 157 33.78 -2.25 9.47
C PHE C 157 33.23 -1.40 10.60
N LYS C 158 33.81 -1.58 11.80
CA LYS C 158 33.53 -0.72 12.95
C LYS C 158 32.04 -0.65 13.28
N PHE C 159 31.40 -1.82 13.32
CA PHE C 159 29.95 -1.92 13.61
C PHE C 159 29.04 -1.26 12.58
N TYR C 160 29.60 -0.56 11.60
CA TYR C 160 28.77 0.28 10.73
C TYR C 160 27.68 -0.51 10.00
N PRO C 161 27.98 -1.74 9.56
CA PRO C 161 26.95 -2.56 8.95
C PRO C 161 25.73 -2.81 9.87
N LEU C 162 25.96 -2.94 11.16
CA LEU C 162 24.86 -3.15 12.10
C LEU C 162 24.07 -1.85 12.29
N THR C 163 24.80 -0.77 12.56
CA THR C 163 24.19 0.50 12.95
C THR C 163 23.51 1.18 11.79
N ILE C 164 24.05 1.02 10.58
CA ILE C 164 23.34 1.45 9.39
C ILE C 164 21.95 0.81 9.39
N GLY C 165 21.93 -0.50 9.63
CA GLY C 165 20.69 -1.26 9.69
C GLY C 165 19.76 -0.76 10.77
N ILE C 166 20.33 -0.46 11.93
CA ILE C 166 19.54 0.04 13.04
C ILE C 166 18.93 1.41 12.68
N HIS C 167 19.76 2.31 12.19
CA HIS C 167 19.25 3.63 11.80
C HIS C 167 18.18 3.44 10.77
N ARG C 168 18.42 2.56 9.81
CA ARG C 168 17.44 2.27 8.79
C ARG C 168 16.08 1.88 9.34
N VAL C 169 16.08 1.06 10.40
CA VAL C 169 14.83 0.63 11.01
C VAL C 169 14.22 1.78 11.79
N LYS C 170 15.02 2.40 12.67
CA LYS C 170 14.59 3.61 13.40
C LYS C 170 13.86 4.64 12.53
N GLN C 171 14.22 4.73 11.26
CA GLN C 171 13.57 5.65 10.31
C GLN C 171 12.42 5.01 9.54
N GLY C 172 12.11 3.74 9.82
CA GLY C 172 11.10 3.00 9.07
C GLY C 172 11.41 2.90 7.58
N MET C 173 12.70 2.92 7.23
CA MET C 173 13.14 2.75 5.85
C MET C 173 13.34 1.27 5.54
N MET C 174 13.36 0.44 6.58
CA MET C 174 13.70 -0.96 6.41
C MET C 174 12.84 -1.85 7.30
N ASP C 175 12.61 -3.06 6.80
CA ASP C 175 11.87 -4.10 7.52
C ASP C 175 12.85 -4.78 8.50
N PRO C 176 12.54 -4.78 9.81
CA PRO C 176 13.42 -5.38 10.84
C PRO C 176 13.83 -6.84 10.67
N GLN C 177 13.14 -7.60 9.83
CA GLN C 177 13.56 -8.97 9.55
C GLN C 177 14.97 -9.01 9.01
N TYR C 178 15.30 -7.99 8.24
CA TYR C 178 16.58 -7.94 7.54
C TYR C 178 17.77 -7.56 8.44
N LEU C 179 17.50 -7.06 9.64
CA LEU C 179 18.55 -6.85 10.64
C LEU C 179 19.05 -8.15 11.26
N LYS C 180 18.18 -9.15 11.33
CA LYS C 180 18.46 -10.37 12.07
C LYS C 180 19.77 -11.03 11.64
N LYS C 181 20.09 -10.94 10.35
CA LYS C 181 21.37 -11.42 9.82
C LYS C 181 22.54 -10.99 10.70
N ALA C 182 22.62 -9.68 10.94
CA ALA C 182 23.76 -9.11 11.64
C ALA C 182 23.78 -9.52 13.10
N LEU C 183 22.62 -9.53 13.73
CA LEU C 183 22.54 -9.76 15.15
C LEU C 183 23.03 -11.12 15.60
N ARG C 184 23.24 -12.05 14.68
CA ARG C 184 23.74 -13.37 15.05
C ARG C 184 25.23 -13.50 14.73
N GLN C 185 25.80 -12.45 14.14
CA GLN C 185 27.23 -12.41 13.77
C GLN C 185 28.16 -12.13 14.96
N ARG C 186 29.46 -12.21 14.73
CA ARG C 186 30.44 -11.99 15.78
C ARG C 186 31.09 -10.64 15.66
N TYR C 187 31.71 -10.19 16.76
CA TYR C 187 32.62 -9.03 16.74
C TYR C 187 34.06 -9.50 16.91
N GLY C 188 34.62 -10.08 15.86
CA GLY C 188 35.94 -10.68 15.91
C GLY C 188 35.95 -12.01 16.65
N THR C 189 35.89 -11.96 17.97
CA THR C 189 36.02 -13.16 18.81
C THR C 189 34.91 -13.31 19.85
N LEU C 190 33.83 -12.54 19.72
CA LEU C 190 32.73 -12.61 20.68
C LEU C 190 31.46 -13.21 20.09
N THR C 191 30.63 -13.79 20.95
CA THR C 191 29.27 -14.16 20.58
C THR C 191 28.50 -12.87 20.50
N ALA C 192 27.37 -12.91 19.82
CA ALA C 192 26.39 -11.84 19.89
C ALA C 192 26.03 -11.57 21.34
N ASP C 193 25.65 -12.63 22.05
CA ASP C 193 25.33 -12.52 23.48
C ASP C 193 26.32 -11.67 24.23
N LYS C 194 27.59 -11.79 23.90
CA LYS C 194 28.62 -11.08 24.61
C LYS C 194 28.71 -9.65 24.13
N TRP C 195 28.92 -9.46 22.83
CA TRP C 195 29.16 -8.10 22.32
C TRP C 195 27.95 -7.16 22.48
N MET C 196 26.74 -7.73 22.49
CA MET C 196 25.51 -6.97 22.76
C MET C 196 25.49 -6.48 24.21
N SER C 197 26.08 -7.27 25.08
CA SER C 197 26.18 -6.93 26.50
C SER C 197 27.22 -5.86 26.76
N GLN C 198 28.40 -6.01 26.16
CA GLN C 198 29.57 -5.24 26.55
C GLN C 198 29.80 -4.01 25.67
N LYS C 199 29.92 -4.25 24.37
CA LYS C 199 30.30 -3.20 23.42
C LYS C 199 29.13 -2.30 23.09
N VAL C 200 28.38 -1.84 24.09
CA VAL C 200 27.17 -1.06 23.83
C VAL C 200 27.50 0.40 23.55
N ALA C 201 28.45 0.93 24.31
CA ALA C 201 28.91 2.30 24.12
C ALA C 201 29.56 2.45 22.73
N ALA C 202 30.44 1.51 22.39
CA ALA C 202 31.13 1.50 21.09
C ALA C 202 30.13 1.52 19.91
N ILE C 203 29.04 0.78 20.07
CA ILE C 203 27.97 0.73 19.08
C ILE C 203 27.24 2.08 18.97
N ALA C 204 26.85 2.67 20.10
CA ALA C 204 26.12 3.93 20.09
C ALA C 204 26.93 5.04 19.42
N LYS C 205 28.24 4.97 19.57
CA LYS C 205 29.14 5.87 18.85
C LYS C 205 28.97 5.62 17.35
N SER C 206 29.23 4.39 16.93
CA SER C 206 29.08 3.98 15.54
C SER C 206 27.73 4.44 14.99
N LEU C 207 26.68 4.35 15.81
CA LEU C 207 25.38 4.85 15.43
C LEU C 207 25.41 6.36 15.21
N LYS C 208 25.90 7.11 16.20
CA LYS C 208 25.97 8.58 16.08
C LYS C 208 26.63 8.98 14.76
N ASP C 209 27.74 8.32 14.41
CA ASP C 209 28.44 8.55 13.14
C ASP C 209 27.50 8.32 11.96
N VAL C 210 26.80 7.19 11.96
CA VAL C 210 25.86 6.86 10.89
C VAL C 210 24.71 7.86 10.84
N GLU C 211 24.25 8.30 12.01
CA GLU C 211 23.12 9.24 12.10
C GLU C 211 23.49 10.62 11.58
N GLN C 212 24.76 10.96 11.63
CA GLN C 212 25.25 12.27 11.17
C GLN C 212 25.64 12.29 9.70
N LEU C 213 25.27 11.28 8.94
CA LEU C 213 25.54 11.27 7.51
C LEU C 213 24.47 12.09 6.82
N LYS C 214 24.78 12.62 5.64
CA LYS C 214 23.80 13.38 4.85
C LYS C 214 22.79 12.45 4.18
N TRP C 215 21.90 11.90 5.01
CA TRP C 215 20.89 10.94 4.56
C TRP C 215 19.90 11.59 3.60
N GLY C 216 20.08 11.38 2.30
CA GLY C 216 19.30 12.09 1.29
C GLY C 216 18.26 11.27 0.56
N LYS C 217 18.59 10.02 0.26
CA LYS C 217 17.89 9.21 -0.77
C LYS C 217 17.81 9.93 -2.11
N GLY C 218 18.57 9.41 -3.08
CA GLY C 218 18.74 10.06 -4.36
C GLY C 218 19.46 11.38 -4.13
N GLY C 219 20.78 11.35 -4.24
CA GLY C 219 21.57 12.56 -4.05
C GLY C 219 21.37 13.57 -5.16
N LEU C 220 22.20 14.60 -5.17
CA LEU C 220 22.26 15.56 -6.26
C LEU C 220 23.68 15.67 -6.80
N SER C 221 23.81 16.36 -7.93
CA SER C 221 25.12 16.80 -8.40
C SER C 221 25.51 18.04 -7.60
N ASP C 222 26.82 18.25 -7.48
CA ASP C 222 27.35 19.38 -6.73
C ASP C 222 27.18 20.70 -7.47
N THR C 223 27.20 20.67 -8.81
CA THR C 223 26.98 21.86 -9.62
C THR C 223 25.56 22.40 -9.46
N ALA C 224 24.60 21.49 -9.27
CA ALA C 224 23.19 21.83 -9.12
C ALA C 224 22.93 22.65 -7.86
N LYS C 225 23.66 22.35 -6.79
CA LYS C 225 23.46 23.02 -5.51
C LYS C 225 23.96 24.47 -5.57
N THR C 226 25.17 24.64 -6.08
CA THR C 226 25.78 25.96 -6.25
C THR C 226 25.00 26.82 -7.24
N PHE C 227 24.48 26.18 -8.28
CA PHE C 227 23.54 26.84 -9.18
C PHE C 227 22.31 27.31 -8.39
N LEU C 228 21.57 26.37 -7.82
CA LEU C 228 20.36 26.69 -7.06
C LEU C 228 20.59 27.69 -5.93
N GLN C 229 21.78 27.66 -5.36
CA GLN C 229 22.14 28.61 -4.33
C GLN C 229 22.21 30.03 -4.88
N LYS C 230 22.31 30.20 -6.20
CA LYS C 230 22.15 31.53 -6.81
C LYS C 230 20.73 32.06 -6.65
N PHE C 231 19.75 31.17 -6.69
CA PHE C 231 18.35 31.57 -6.57
C PHE C 231 17.80 31.41 -5.14
N GLY C 232 18.69 31.30 -4.17
CA GLY C 232 18.29 31.29 -2.76
C GLY C 232 17.71 29.97 -2.33
N ILE C 233 18.44 28.89 -2.63
CA ILE C 233 17.98 27.55 -2.30
C ILE C 233 19.16 26.70 -1.81
N ARG C 234 18.96 26.03 -0.68
CA ARG C 234 20.06 25.38 0.03
C ARG C 234 19.59 24.37 1.05
N LEU E 5 -32.71 -5.73 -11.37
CA LEU E 5 -32.93 -4.39 -10.70
C LEU E 5 -34.18 -4.33 -9.80
N VAL E 6 -34.48 -5.44 -9.13
CA VAL E 6 -35.65 -5.54 -8.23
C VAL E 6 -35.23 -6.26 -6.94
N PHE E 7 -35.74 -5.80 -5.79
CA PHE E 7 -35.23 -6.24 -4.49
C PHE E 7 -36.31 -6.63 -3.48
N TYR E 8 -35.91 -7.49 -2.54
CA TYR E 8 -36.79 -8.07 -1.51
C TYR E 8 -36.02 -8.13 -0.17
N ASP E 9 -35.90 -9.30 0.46
CA ASP E 9 -35.09 -9.49 1.68
C ASP E 9 -34.32 -10.81 1.69
N GLY E 17 -25.30 -21.61 5.20
CA GLY E 17 -25.16 -22.37 6.44
C GLY E 17 -24.01 -23.37 6.40
N PHE E 18 -22.79 -22.87 6.60
CA PHE E 18 -21.55 -23.66 6.46
C PHE E 18 -21.16 -24.50 7.70
N ASP E 19 -21.10 -25.83 7.56
CA ASP E 19 -20.67 -26.72 8.68
C ASP E 19 -19.29 -27.34 8.43
N PRO E 20 -18.26 -26.91 9.20
CA PRO E 20 -16.89 -27.37 8.97
C PRO E 20 -16.63 -28.86 9.29
N ASP E 21 -17.36 -29.42 10.25
CA ASP E 21 -17.30 -30.86 10.48
C ASP E 21 -17.60 -31.55 9.15
N ALA E 22 -18.65 -31.10 8.47
CA ALA E 22 -18.99 -31.65 7.17
C ALA E 22 -17.89 -31.39 6.15
N GLY E 23 -17.47 -30.13 6.05
CA GLY E 23 -16.39 -29.76 5.14
C GLY E 23 -15.11 -30.59 5.32
N TYR E 24 -14.85 -31.00 6.55
CA TYR E 24 -13.66 -31.80 6.86
C TYR E 24 -13.76 -33.19 6.25
N MET E 25 -14.91 -33.84 6.44
CA MET E 25 -15.13 -35.18 5.87
C MET E 25 -14.99 -35.12 4.35
N ASP E 26 -15.56 -34.07 3.76
CA ASP E 26 -15.43 -33.85 2.33
C ASP E 26 -13.96 -33.76 1.98
N PHE E 27 -13.26 -32.89 2.69
CA PHE E 27 -11.88 -32.59 2.37
C PHE E 27 -10.97 -33.81 2.54
N CYS E 28 -11.11 -34.49 3.67
CA CYS E 28 -10.31 -35.70 3.95
C CYS E 28 -10.53 -36.75 2.88
N VAL E 29 -11.79 -36.98 2.51
CA VAL E 29 -12.15 -37.91 1.42
C VAL E 29 -11.34 -37.63 0.16
N LYS E 30 -11.46 -36.42 -0.36
CA LYS E 30 -10.82 -36.07 -1.60
C LYS E 30 -9.29 -36.06 -1.50
N ASN E 31 -8.74 -35.93 -0.30
CA ASN E 31 -7.28 -35.75 -0.13
C ASN E 31 -6.57 -36.70 0.82
N ALA E 32 -7.31 -37.52 1.58
CA ALA E 32 -6.66 -38.50 2.46
C ALA E 32 -5.59 -39.26 1.66
N GLU E 33 -6.00 -39.71 0.48
CA GLU E 33 -5.13 -40.21 -0.58
C GLU E 33 -3.75 -39.52 -0.62
N SER E 34 -3.75 -38.23 -0.94
CA SER E 34 -2.53 -37.52 -1.38
C SER E 34 -1.68 -36.88 -0.27
N LEU E 35 -2.10 -37.02 0.99
CA LEU E 35 -1.45 -36.30 2.10
C LEU E 35 -0.32 -37.06 2.77
N ASN E 36 0.65 -36.33 3.29
CA ASN E 36 1.68 -36.89 4.16
C ASN E 36 2.27 -35.77 4.99
N LEU E 37 3.13 -36.11 5.94
CA LEU E 37 3.67 -35.10 6.84
C LEU E 37 4.48 -34.06 6.09
N ALA E 38 5.39 -34.50 5.22
CA ALA E 38 6.30 -33.57 4.55
C ALA E 38 5.54 -32.53 3.71
N ALA E 39 4.41 -32.93 3.12
CA ALA E 39 3.57 -32.00 2.36
C ALA E 39 2.95 -30.94 3.28
N VAL E 40 2.25 -31.41 4.29
CA VAL E 40 1.59 -30.52 5.24
C VAL E 40 2.60 -29.57 5.87
N ARG E 41 3.72 -30.11 6.35
CA ARG E 41 4.78 -29.29 6.91
C ARG E 41 5.05 -28.06 6.05
N ILE E 42 5.22 -28.31 4.75
CA ILE E 42 5.54 -27.28 3.77
C ILE E 42 4.41 -26.30 3.57
N PHE E 43 3.17 -26.79 3.68
CA PHE E 43 2.03 -25.90 3.69
C PHE E 43 2.12 -24.91 4.84
N PHE E 44 2.22 -25.43 6.07
CA PHE E 44 2.20 -24.57 7.25
C PHE E 44 3.29 -23.50 7.23
N LEU E 45 4.40 -23.80 6.58
CA LEU E 45 5.50 -22.85 6.48
C LEU E 45 5.10 -21.72 5.57
N ASN E 46 4.50 -22.06 4.44
CA ASN E 46 4.15 -21.06 3.42
C ASN E 46 2.69 -20.61 3.39
N ALA E 47 1.95 -20.96 4.44
CA ALA E 47 0.60 -20.43 4.64
C ALA E 47 0.63 -18.91 4.43
N ALA E 48 1.68 -18.28 4.96
CA ALA E 48 1.89 -16.84 4.80
C ALA E 48 2.15 -16.47 3.34
N LYS E 49 3.19 -17.06 2.78
CA LYS E 49 3.66 -16.70 1.45
C LYS E 49 2.55 -16.73 0.40
N ALA E 50 1.63 -17.68 0.53
CA ALA E 50 0.50 -17.83 -0.39
C ALA E 50 -0.58 -16.75 -0.19
N LYS E 51 -0.86 -16.39 1.07
CA LYS E 51 -1.78 -15.28 1.33
C LYS E 51 -1.35 -14.08 0.52
N ALA E 52 -0.05 -13.80 0.54
CA ALA E 52 0.52 -12.72 -0.25
C ALA E 52 0.27 -12.95 -1.72
N ALA E 53 0.91 -13.94 -2.30
CA ALA E 53 0.81 -14.18 -3.72
C ALA E 53 -0.62 -14.12 -4.22
N LEU E 54 -1.54 -14.82 -3.55
CA LEU E 54 -2.93 -14.84 -3.98
C LEU E 54 -3.58 -13.47 -3.98
N SER E 55 -3.08 -12.56 -3.16
CA SER E 55 -3.56 -11.19 -3.18
C SER E 55 -3.10 -10.44 -4.44
N ARG E 56 -1.97 -10.86 -5.00
CA ARG E 56 -1.47 -10.27 -6.24
C ARG E 56 -2.17 -10.84 -7.49
N LYS E 57 -2.48 -12.13 -7.46
CA LYS E 57 -3.19 -12.76 -8.58
C LYS E 57 -4.63 -12.25 -8.67
N PRO E 58 -5.05 -11.77 -9.86
CA PRO E 58 -6.41 -11.24 -10.02
C PRO E 58 -7.47 -12.33 -10.17
N GLU E 59 -7.02 -13.56 -10.43
CA GLU E 59 -7.90 -14.68 -10.74
C GLU E 59 -8.86 -15.05 -9.60
N ARG E 60 -9.82 -15.90 -9.91
CA ARG E 60 -10.85 -16.33 -8.96
C ARG E 60 -10.51 -17.61 -8.24
N LYS E 61 -9.72 -18.47 -8.89
CA LYS E 61 -9.23 -19.72 -8.29
C LYS E 61 -7.73 -19.81 -8.44
N ALA E 62 -7.14 -20.76 -7.74
CA ALA E 62 -5.72 -21.05 -7.91
C ALA E 62 -5.40 -22.46 -7.46
N ASN E 63 -4.39 -23.04 -8.08
CA ASN E 63 -3.97 -24.38 -7.75
C ASN E 63 -2.52 -24.34 -7.30
N PRO E 64 -2.30 -23.89 -6.06
CA PRO E 64 -0.94 -23.86 -5.50
C PRO E 64 -0.40 -25.25 -5.22
N LYS E 65 0.92 -25.37 -5.17
CA LYS E 65 1.54 -26.66 -4.88
C LYS E 65 2.47 -26.57 -3.68
N PHE E 66 2.20 -27.40 -2.68
CA PHE E 66 3.02 -27.48 -1.50
C PHE E 66 3.85 -28.75 -1.53
N GLY E 67 5.12 -28.58 -1.85
CA GLY E 67 6.00 -29.73 -2.01
C GLY E 67 5.60 -30.47 -3.26
N GLU E 68 4.82 -31.54 -3.09
CA GLU E 68 4.35 -32.33 -4.23
C GLU E 68 2.88 -32.68 -4.08
N TRP E 69 2.12 -31.73 -3.55
CA TRP E 69 0.68 -31.89 -3.38
C TRP E 69 -0.03 -30.64 -3.83
N GLN E 70 -0.51 -30.66 -5.07
CA GLN E 70 -1.27 -29.53 -5.61
C GLN E 70 -2.73 -29.59 -5.18
N VAL E 71 -3.39 -28.43 -5.12
CA VAL E 71 -4.72 -28.37 -4.54
C VAL E 71 -5.46 -27.15 -5.03
N GLU E 72 -6.73 -27.33 -5.41
CA GLU E 72 -7.57 -26.23 -5.86
C GLU E 72 -8.08 -25.52 -4.63
N VAL E 73 -7.64 -24.27 -4.48
CA VAL E 73 -8.13 -23.39 -3.43
C VAL E 73 -8.82 -22.18 -4.05
N ILE E 74 -9.83 -21.65 -3.39
CA ILE E 74 -10.43 -20.43 -3.86
C ILE E 74 -9.63 -19.24 -3.38
N ASN E 75 -9.32 -18.37 -4.33
CA ASN E 75 -8.71 -17.08 -4.05
C ASN E 75 -9.74 -15.97 -3.96
N ASN E 76 -9.83 -15.35 -2.80
CA ASN E 76 -10.33 -13.98 -2.69
C ASN E 76 -9.48 -13.21 -1.66
N HIS E 77 -8.17 -13.36 -1.85
CA HIS E 77 -7.17 -12.56 -1.18
C HIS E 77 -6.92 -11.31 -2.03
N PHE E 78 -7.11 -11.43 -3.34
CA PHE E 78 -7.07 -10.28 -4.22
C PHE E 78 -8.10 -9.32 -3.71
N PRO E 79 -7.75 -8.02 -3.64
CA PRO E 79 -8.65 -6.96 -3.16
C PRO E 79 -10.11 -7.10 -3.64
N GLY E 80 -10.31 -7.22 -4.94
CA GLY E 80 -11.64 -7.20 -5.55
C GLY E 80 -12.54 -8.40 -5.27
N ASN E 81 -11.93 -9.56 -5.06
CA ASN E 81 -12.68 -10.81 -4.88
C ASN E 81 -13.26 -11.00 -3.47
N ARG E 82 -12.80 -10.21 -2.51
CA ARG E 82 -13.05 -10.43 -1.09
C ARG E 82 -14.49 -10.80 -0.73
N ASN E 83 -15.45 -10.41 -1.57
CA ASN E 83 -16.89 -10.68 -1.32
C ASN E 83 -17.51 -11.77 -2.19
N ASN E 84 -16.68 -12.55 -2.91
CA ASN E 84 -17.20 -13.64 -3.76
C ASN E 84 -17.68 -14.83 -2.92
N PRO E 85 -18.98 -15.18 -3.02
CA PRO E 85 -19.50 -16.22 -2.12
C PRO E 85 -18.83 -17.58 -2.35
N ILE E 86 -18.88 -18.43 -1.32
CA ILE E 86 -18.08 -19.65 -1.27
C ILE E 86 -18.88 -20.83 -0.73
N GLY E 87 -18.83 -21.95 -1.45
CA GLY E 87 -19.58 -23.17 -1.10
C GLY E 87 -18.96 -23.93 0.06
N ASN E 88 -19.76 -24.78 0.69
CA ASN E 88 -19.33 -25.44 1.93
C ASN E 88 -18.22 -26.48 1.74
N ASN E 89 -17.97 -26.89 0.50
CA ASN E 89 -16.90 -27.82 0.20
C ASN E 89 -15.65 -27.12 -0.33
N ASP E 90 -15.76 -25.82 -0.60
CA ASP E 90 -14.64 -25.04 -1.12
C ASP E 90 -13.58 -24.81 -0.08
N LEU E 91 -12.35 -24.71 -0.54
CA LEU E 91 -11.20 -24.45 0.31
C LEU E 91 -10.67 -23.03 0.13
N THR E 92 -10.33 -22.40 1.25
CA THR E 92 -9.42 -21.26 1.30
C THR E 92 -8.22 -21.70 2.09
N ILE E 93 -7.19 -20.87 2.08
CA ILE E 93 -6.00 -21.15 2.89
C ILE E 93 -6.37 -21.29 4.35
N HIS E 94 -7.23 -20.38 4.82
CA HIS E 94 -7.74 -20.42 6.18
C HIS E 94 -8.37 -21.78 6.49
N ARG E 95 -9.30 -22.19 5.64
CA ARG E 95 -9.97 -23.44 5.87
C ARG E 95 -9.01 -24.61 5.78
N LEU E 96 -8.03 -24.56 4.89
CA LEU E 96 -7.01 -25.60 4.86
C LEU E 96 -6.33 -25.60 6.20
N SER E 97 -5.65 -24.50 6.53
CA SER E 97 -4.96 -24.36 7.81
C SER E 97 -5.74 -25.03 8.94
N GLY E 98 -7.04 -24.79 8.99
CA GLY E 98 -7.90 -25.43 10.00
C GLY E 98 -8.03 -26.93 9.84
N TYR E 99 -8.52 -27.37 8.68
CA TYR E 99 -8.65 -28.80 8.34
C TYR E 99 -7.33 -29.53 8.56
N LEU E 100 -6.25 -29.00 7.99
CA LEU E 100 -4.93 -29.62 8.06
C LEU E 100 -4.40 -29.69 9.49
N ALA E 101 -4.69 -28.67 10.30
CA ALA E 101 -4.36 -28.75 11.71
C ALA E 101 -5.08 -29.94 12.33
N ARG E 102 -6.38 -30.02 12.08
CA ARG E 102 -7.16 -31.11 12.63
C ARG E 102 -6.60 -32.45 12.18
N TRP E 103 -6.14 -32.53 10.95
CA TRP E 103 -5.55 -33.75 10.42
C TRP E 103 -4.39 -34.22 11.25
N VAL E 104 -3.50 -33.29 11.58
CA VAL E 104 -2.29 -33.63 12.32
C VAL E 104 -2.65 -34.23 13.67
N LEU E 105 -3.59 -33.60 14.35
CA LEU E 105 -4.05 -34.09 15.64
C LEU E 105 -4.54 -35.53 15.50
N ASP E 106 -5.34 -35.78 14.47
CA ASP E 106 -5.90 -37.09 14.21
C ASP E 106 -4.77 -38.09 13.95
N GLN E 107 -3.74 -37.66 13.23
CA GLN E 107 -2.55 -38.49 13.04
C GLN E 107 -1.88 -38.85 14.36
N TYR E 108 -1.89 -37.90 15.29
CA TYR E 108 -1.23 -38.08 16.58
C TYR E 108 -2.01 -39.05 17.46
N ASN E 109 -3.33 -38.85 17.56
CA ASN E 109 -4.15 -39.68 18.44
C ASN E 109 -4.48 -41.05 17.87
N GLU E 110 -4.36 -41.18 16.56
CA GLU E 110 -4.34 -42.47 15.86
C GLU E 110 -3.68 -43.58 16.69
N ASN E 111 -2.51 -43.26 17.25
CA ASN E 111 -1.63 -44.24 17.86
C ASN E 111 -1.05 -43.79 19.18
N ASP E 112 -0.23 -44.65 19.75
CA ASP E 112 0.60 -44.34 20.93
C ASP E 112 2.09 -44.26 20.59
N ASP E 113 2.48 -44.80 19.44
CA ASP E 113 3.88 -44.84 19.02
C ASP E 113 4.62 -43.60 19.46
N GLU E 114 5.58 -43.75 20.37
CA GLU E 114 6.46 -42.65 20.70
C GLU E 114 7.32 -42.29 19.50
N SER E 115 7.72 -43.30 18.72
CA SER E 115 8.53 -43.07 17.52
C SER E 115 7.78 -42.16 16.53
N GLN E 116 6.54 -42.53 16.21
CA GLN E 116 5.71 -41.76 15.28
C GLN E 116 5.32 -40.38 15.87
N HIS E 117 4.83 -40.35 17.11
CA HIS E 117 4.60 -39.09 17.81
C HIS E 117 5.79 -38.14 17.70
N GLU E 118 7.01 -38.68 17.81
CA GLU E 118 8.23 -37.87 17.71
C GLU E 118 8.48 -37.38 16.28
N LEU E 119 8.10 -38.19 15.30
CA LEU E 119 8.19 -37.81 13.90
C LEU E 119 7.32 -36.55 13.60
N ILE E 120 6.13 -36.51 14.18
CA ILE E 120 5.22 -35.37 14.02
C ILE E 120 5.82 -34.14 14.68
N ARG E 121 6.22 -34.26 15.94
CA ARG E 121 6.86 -33.17 16.66
C ARG E 121 8.15 -32.71 15.97
N THR E 122 8.71 -33.58 15.12
CA THR E 122 9.92 -33.27 14.38
C THR E 122 9.58 -32.65 13.04
N THR E 123 8.66 -33.30 12.31
CA THR E 123 8.33 -32.86 10.96
C THR E 123 7.48 -31.59 10.97
N ILE E 124 6.34 -31.64 11.67
CA ILE E 124 5.37 -30.56 11.65
C ILE E 124 5.77 -29.47 12.60
N ILE E 125 5.70 -28.24 12.10
CA ILE E 125 6.18 -27.09 12.84
C ILE E 125 5.27 -25.88 12.60
N ASN E 126 5.00 -25.16 13.68
CA ASN E 126 4.03 -24.07 13.73
C ASN E 126 4.74 -22.79 14.12
N PRO E 127 5.12 -21.97 13.13
CA PRO E 127 5.80 -20.72 13.45
C PRO E 127 5.03 -19.82 14.43
N ILE E 128 3.74 -19.63 14.19
CA ILE E 128 2.98 -18.70 15.01
C ILE E 128 3.12 -19.11 16.49
N ALA E 129 3.04 -20.40 16.74
CA ALA E 129 3.22 -20.93 18.09
C ALA E 129 4.64 -20.70 18.56
N GLU E 130 5.61 -21.14 17.77
CA GLU E 130 7.01 -21.05 18.17
C GLU E 130 7.41 -19.59 18.38
N SER E 131 6.84 -18.67 17.60
CA SER E 131 7.13 -17.25 17.74
C SER E 131 6.73 -16.72 19.12
N ASN E 132 5.83 -17.43 19.79
CA ASN E 132 5.43 -17.09 21.15
C ASN E 132 6.02 -18.06 22.17
N GLY E 133 7.08 -18.77 21.77
CA GLY E 133 7.79 -19.69 22.66
C GLY E 133 7.02 -20.92 23.08
N VAL E 134 6.02 -21.29 22.28
CA VAL E 134 5.16 -22.44 22.55
C VAL E 134 5.58 -23.59 21.62
N GLY E 135 5.83 -24.75 22.21
CA GLY E 135 6.24 -25.92 21.44
C GLY E 135 5.39 -27.14 21.73
N TRP E 136 5.69 -28.23 21.02
CA TRP E 136 4.95 -29.48 21.15
C TRP E 136 4.87 -30.05 22.56
N ASP E 137 5.90 -29.78 23.35
CA ASP E 137 5.90 -30.11 24.78
C ASP E 137 4.71 -29.53 25.56
N SER E 138 4.11 -28.43 25.09
CA SER E 138 2.99 -27.81 25.80
C SER E 138 1.72 -28.64 25.71
N GLY E 139 1.55 -29.38 24.61
CA GLY E 139 0.32 -30.16 24.33
C GLY E 139 0.03 -30.14 22.85
N PRO E 140 -0.34 -31.29 22.27
CA PRO E 140 -0.61 -31.28 20.82
C PRO E 140 -1.79 -30.37 20.49
N GLU E 141 -2.85 -30.40 21.32
CA GLU E 141 -4.00 -29.53 21.14
C GLU E 141 -3.57 -28.07 21.23
N ILE E 142 -3.04 -27.69 22.38
CA ILE E 142 -2.70 -26.30 22.62
C ILE E 142 -1.65 -25.76 21.63
N TYR E 143 -0.74 -26.63 21.20
CA TYR E 143 0.26 -26.25 20.21
C TYR E 143 -0.41 -25.93 18.88
N LEU E 144 -1.23 -26.87 18.42
CA LEU E 144 -1.84 -26.77 17.11
C LEU E 144 -2.92 -25.69 17.05
N SER E 145 -3.40 -25.26 18.22
CA SER E 145 -4.41 -24.21 18.28
C SER E 145 -3.96 -22.84 17.78
N PHE E 146 -2.65 -22.62 17.75
CA PHE E 146 -2.09 -21.36 17.25
C PHE E 146 -2.30 -21.18 15.73
N PHE E 147 -2.33 -22.30 14.99
CA PHE E 147 -2.65 -22.22 13.57
C PHE E 147 -4.05 -21.63 13.36
N PRO E 148 -4.16 -20.64 12.44
CA PRO E 148 -5.45 -20.07 12.11
C PRO E 148 -6.37 -21.10 11.47
N GLY E 149 -7.67 -20.91 11.62
CA GLY E 149 -8.63 -21.85 11.09
C GLY E 149 -9.02 -22.92 12.07
N THR E 150 -8.41 -22.94 13.27
CA THR E 150 -8.76 -23.94 14.28
C THR E 150 -9.99 -23.52 15.09
N GLU E 151 -10.41 -22.27 14.94
CA GLU E 151 -11.67 -21.81 15.53
C GLU E 151 -12.88 -22.61 15.03
N MET E 152 -12.72 -23.26 13.88
CA MET E 152 -13.77 -24.10 13.30
C MET E 152 -14.03 -25.34 14.14
N PHE E 153 -13.07 -25.71 14.98
CA PHE E 153 -13.17 -26.97 15.73
C PHE E 153 -12.88 -26.79 17.22
N LEU E 154 -13.68 -25.95 17.87
CA LEU E 154 -13.47 -25.59 19.27
C LEU E 154 -13.58 -26.78 20.21
N GLU E 155 -14.50 -27.70 19.94
CA GLU E 155 -14.60 -28.87 20.78
C GLU E 155 -13.34 -29.71 20.56
N THR E 156 -12.96 -29.92 19.31
CA THR E 156 -11.78 -30.74 19.01
C THR E 156 -10.53 -30.17 19.66
N PHE E 157 -10.37 -28.85 19.62
CA PHE E 157 -9.21 -28.17 20.18
C PHE E 157 -9.48 -27.52 21.53
N LYS E 158 -10.41 -28.08 22.28
CA LYS E 158 -10.58 -27.75 23.71
C LYS E 158 -10.60 -26.26 24.04
N PHE E 159 -11.36 -25.49 23.25
CA PHE E 159 -11.47 -24.02 23.40
C PHE E 159 -10.18 -23.22 23.23
N TYR E 160 -9.08 -23.90 22.91
CA TYR E 160 -7.80 -23.23 22.89
C TYR E 160 -7.76 -22.12 21.85
N PRO E 161 -8.21 -22.41 20.62
CA PRO E 161 -8.16 -21.37 19.59
C PRO E 161 -8.87 -20.08 20.03
N LEU E 162 -9.91 -20.23 20.83
CA LEU E 162 -10.60 -19.09 21.41
C LEU E 162 -9.71 -18.42 22.45
N THR E 163 -9.39 -19.18 23.50
CA THR E 163 -8.75 -18.66 24.70
C THR E 163 -7.35 -18.13 24.48
N ILE E 164 -6.66 -18.65 23.47
CA ILE E 164 -5.41 -18.04 23.05
C ILE E 164 -5.67 -16.60 22.63
N GLY E 165 -6.69 -16.44 21.77
CA GLY E 165 -7.19 -15.11 21.37
C GLY E 165 -7.61 -14.21 22.54
N ILE E 166 -8.43 -14.73 23.44
CA ILE E 166 -8.78 -14.00 24.64
C ILE E 166 -7.52 -13.50 25.34
N HIS E 167 -6.65 -14.43 25.71
CA HIS E 167 -5.40 -14.11 26.39
C HIS E 167 -4.53 -13.11 25.62
N ARG E 168 -4.46 -13.29 24.30
CA ARG E 168 -3.78 -12.34 23.41
C ARG E 168 -4.36 -10.94 23.46
N VAL E 169 -5.69 -10.85 23.45
CA VAL E 169 -6.37 -9.57 23.53
C VAL E 169 -6.15 -8.90 24.88
N LYS E 170 -6.26 -9.68 25.96
CA LYS E 170 -5.93 -9.20 27.31
C LYS E 170 -4.55 -8.53 27.41
N GLN E 171 -3.57 -9.01 26.66
CA GLN E 171 -2.22 -8.46 26.74
C GLN E 171 -1.96 -7.39 25.67
N GLY E 172 -3.04 -6.92 25.04
CA GLY E 172 -2.96 -5.92 23.98
C GLY E 172 -2.10 -6.32 22.80
N MET E 173 -1.98 -7.63 22.56
CA MET E 173 -1.16 -8.15 21.46
C MET E 173 -2.00 -8.46 20.25
N MET E 174 -3.31 -8.37 20.39
CA MET E 174 -4.21 -8.66 19.29
C MET E 174 -5.38 -7.70 19.34
N ASP E 175 -5.76 -7.17 18.18
CA ASP E 175 -6.97 -6.37 18.13
C ASP E 175 -8.17 -7.30 18.38
N PRO E 176 -9.03 -6.92 19.34
CA PRO E 176 -10.21 -7.71 19.63
C PRO E 176 -10.98 -8.17 18.40
N GLN E 177 -11.12 -7.32 17.39
CA GLN E 177 -11.98 -7.66 16.25
C GLN E 177 -11.64 -9.00 15.59
N TYR E 178 -10.41 -9.50 15.82
CA TYR E 178 -9.99 -10.82 15.35
C TYR E 178 -10.59 -12.01 16.13
N LEU E 179 -11.18 -11.74 17.29
CA LEU E 179 -11.91 -12.78 18.04
C LEU E 179 -13.26 -13.13 17.41
N LYS E 180 -13.84 -12.16 16.71
CA LYS E 180 -15.20 -12.28 16.18
C LYS E 180 -15.44 -13.59 15.43
N LYS E 181 -14.44 -14.03 14.68
CA LYS E 181 -14.51 -15.31 13.96
C LYS E 181 -14.86 -16.42 14.95
N ALA E 182 -14.06 -16.51 16.01
CA ALA E 182 -14.17 -17.58 16.98
C ALA E 182 -15.44 -17.56 17.81
N LEU E 183 -15.96 -16.38 18.09
CA LEU E 183 -17.09 -16.21 19.00
C LEU E 183 -18.47 -16.65 18.45
N ARG E 184 -18.55 -16.83 17.14
CA ARG E 184 -19.76 -17.31 16.49
C ARG E 184 -19.76 -18.82 16.32
N GLN E 185 -18.56 -19.41 16.32
CA GLN E 185 -18.37 -20.84 16.06
C GLN E 185 -18.99 -21.70 17.13
N ARG E 186 -19.36 -22.92 16.76
CA ARG E 186 -20.04 -23.84 17.67
C ARG E 186 -19.09 -24.53 18.63
N TYR E 187 -19.64 -25.15 19.68
CA TYR E 187 -18.91 -26.14 20.47
C TYR E 187 -19.54 -27.53 20.24
N GLY E 188 -19.05 -28.24 19.25
CA GLY E 188 -19.66 -29.48 18.83
C GLY E 188 -21.05 -29.24 18.29
N THR E 189 -22.05 -29.32 19.16
CA THR E 189 -23.45 -29.21 18.73
C THR E 189 -24.23 -28.10 19.47
N LEU E 190 -23.55 -27.05 19.90
CA LEU E 190 -24.17 -25.95 20.61
C LEU E 190 -23.93 -24.65 19.88
N THR E 191 -24.94 -23.79 19.85
CA THR E 191 -24.83 -22.45 19.30
C THR E 191 -23.88 -21.65 20.15
N ALA E 192 -23.27 -20.65 19.55
CA ALA E 192 -22.51 -19.63 20.29
C ALA E 192 -23.31 -19.12 21.48
N ASP E 193 -24.58 -18.82 21.26
CA ASP E 193 -25.45 -18.26 22.29
C ASP E 193 -25.67 -19.20 23.46
N LYS E 194 -25.67 -20.50 23.17
CA LYS E 194 -25.85 -21.49 24.21
C LYS E 194 -24.59 -21.72 25.02
N TRP E 195 -23.47 -22.00 24.34
CA TRP E 195 -22.23 -22.36 25.06
C TRP E 195 -21.56 -21.21 25.80
N MET E 196 -21.74 -19.98 25.33
CA MET E 196 -21.28 -18.81 26.10
C MET E 196 -21.89 -18.87 27.50
N SER E 197 -23.08 -19.46 27.62
CA SER E 197 -23.78 -19.61 28.89
C SER E 197 -23.38 -20.89 29.65
N GLN E 198 -23.33 -22.01 28.94
CA GLN E 198 -23.16 -23.31 29.58
C GLN E 198 -21.72 -23.72 29.91
N LYS E 199 -20.77 -23.31 29.07
CA LYS E 199 -19.39 -23.85 29.13
C LYS E 199 -18.38 -22.90 29.77
N VAL E 200 -18.88 -21.98 30.59
CA VAL E 200 -18.08 -20.88 31.09
C VAL E 200 -16.86 -21.40 31.88
N ALA E 201 -17.08 -22.35 32.78
CA ALA E 201 -16.00 -22.91 33.62
C ALA E 201 -14.98 -23.65 32.78
N ALA E 202 -15.48 -24.45 31.84
CA ALA E 202 -14.63 -25.18 30.91
C ALA E 202 -13.72 -24.22 30.16
N ILE E 203 -14.29 -23.13 29.66
CA ILE E 203 -13.52 -22.07 28.96
C ILE E 203 -12.47 -21.46 29.87
N ALA E 204 -12.87 -21.21 31.11
CA ALA E 204 -12.00 -20.61 32.09
C ALA E 204 -10.87 -21.56 32.47
N LYS E 205 -11.15 -22.86 32.48
CA LYS E 205 -10.09 -23.84 32.67
C LYS E 205 -9.13 -23.73 31.49
N SER E 206 -9.68 -23.77 30.29
CA SER E 206 -8.87 -23.75 29.09
C SER E 206 -8.07 -22.45 28.96
N LEU E 207 -8.44 -21.43 29.71
CA LEU E 207 -7.71 -20.18 29.67
C LEU E 207 -6.53 -20.23 30.64
N LYS E 208 -6.77 -20.67 31.87
CA LYS E 208 -5.67 -20.89 32.80
C LYS E 208 -4.58 -21.68 32.06
N ASP E 209 -4.97 -22.82 31.47
CA ASP E 209 -4.04 -23.67 30.72
C ASP E 209 -3.17 -22.81 29.78
N VAL E 210 -3.82 -21.93 29.02
CA VAL E 210 -3.13 -21.02 28.10
C VAL E 210 -2.23 -20.03 28.86
N GLU E 211 -2.73 -19.50 29.98
CA GLU E 211 -2.03 -18.45 30.73
C GLU E 211 -0.64 -18.89 31.20
N GLN E 212 -0.50 -20.15 31.58
CA GLN E 212 0.74 -20.65 32.21
C GLN E 212 1.83 -21.15 31.24
N LEU E 213 1.57 -21.05 29.94
CA LEU E 213 2.60 -21.31 28.95
C LEU E 213 3.69 -20.24 29.04
N LYS E 214 4.84 -20.51 28.42
CA LYS E 214 5.92 -19.52 28.36
C LYS E 214 5.67 -18.64 27.17
N TRP E 215 5.21 -17.43 27.41
CA TRP E 215 5.02 -16.47 26.33
C TRP E 215 6.28 -15.63 26.08
N GLY E 216 7.44 -16.24 26.35
CA GLY E 216 8.69 -15.52 26.43
C GLY E 216 9.54 -15.82 25.22
N LYS E 217 10.26 -16.95 25.29
CA LYS E 217 11.11 -17.42 24.21
C LYS E 217 10.39 -17.25 22.87
N GLY E 218 11.14 -17.22 21.79
CA GLY E 218 10.55 -17.14 20.46
C GLY E 218 10.84 -15.78 19.88
N GLY E 219 10.50 -14.73 20.64
CA GLY E 219 10.94 -13.39 20.33
C GLY E 219 12.45 -13.33 20.48
N LEU E 220 13.17 -13.99 19.56
CA LEU E 220 14.63 -13.98 19.56
C LEU E 220 15.24 -14.49 20.88
N SER E 221 16.53 -14.23 21.09
CA SER E 221 17.14 -14.37 22.42
C SER E 221 16.58 -13.28 23.31
N ASP E 222 16.71 -13.43 24.63
CA ASP E 222 16.30 -12.37 25.57
C ASP E 222 17.28 -11.21 25.57
N THR E 223 18.57 -11.56 25.56
CA THR E 223 19.65 -10.59 25.40
C THR E 223 19.31 -9.64 24.24
N ALA E 224 19.02 -10.24 23.09
CA ALA E 224 18.73 -9.49 21.87
C ALA E 224 17.42 -8.71 21.94
N LYS E 225 16.37 -9.34 22.46
CA LYS E 225 15.12 -8.62 22.74
C LYS E 225 15.46 -7.25 23.32
N THR E 226 16.16 -7.28 24.45
CA THR E 226 16.45 -6.09 25.24
C THR E 226 17.41 -5.16 24.52
N PHE E 227 18.54 -5.71 24.08
CA PHE E 227 19.53 -4.93 23.35
C PHE E 227 18.83 -3.99 22.38
N LEU E 228 17.98 -4.53 21.52
CA LEU E 228 17.28 -3.75 20.49
C LEU E 228 16.32 -2.74 21.05
N GLN E 229 15.72 -3.07 22.18
CA GLN E 229 14.87 -2.13 22.87
C GLN E 229 15.67 -0.89 23.30
N LYS E 230 16.91 -1.09 23.73
CA LYS E 230 17.77 0.03 24.14
C LYS E 230 17.88 1.07 23.03
N PHE E 231 17.98 0.63 21.79
CA PHE E 231 18.00 1.55 20.66
C PHE E 231 16.61 1.67 20.04
N GLY E 232 15.58 1.66 20.89
CA GLY E 232 14.21 1.92 20.49
C GLY E 232 13.61 1.09 19.37
N ILE E 233 13.40 -0.21 19.60
CA ILE E 233 12.58 -1.00 18.67
C ILE E 233 11.93 -2.25 19.31
N ARG E 234 11.13 -2.97 18.53
CA ARG E 234 10.34 -4.11 18.99
C ARG E 234 10.23 -5.19 17.91
#